data_4JC0
#
_entry.id   4JC0
#
_cell.length_a   59.721
_cell.length_b   86.948
_cell.length_c   172.795
_cell.angle_alpha   90.00
_cell.angle_beta   90.00
_cell.angle_gamma   90.00
#
_symmetry.space_group_name_H-M   'P 21 21 21'
#
loop_
_entity.id
_entity.type
_entity.pdbx_description
1 polymer 'Ribosomal protein S12 methylthiotransferase RimO'
2 non-polymer 'IRON/SULFUR PENTA-SULFIDE CONNECTED CLUSTERS'
#
_entity_poly.entity_id   1
_entity_poly.type   'polypeptide(L)'
_entity_poly.pdbx_seq_one_letter_code
;MRVGIKVLGCPKNEADCEVLAGVLREGGHEIVFDVKDADVVVLDTCAFIEDAKRESIDEIFSFVDAKDQYGYKLVVKGCL
VQRYYEELKKEIPEVDQWIGVADPEEIANAIENGTDLVPDQPETVYRYRKRIDLEERPYAYVKISDGCDRGCTFCSIPSF
KGSLRSRSIEDITREVEDLLKEGKKEIILVAQDTTSYGIDLYRKQALPDLLRRLNSLNGEFWIRVMYLHPDHLTEEIISA
MLELDKVVKYFDVPVQHGSDKILKLMGRTKSSEELKKMLSSIRERFPDAVLRTSIIVGFPGETEEDFEELKQFVEEIQFD
KLGAFVYSDEEGTVAFNLKEKVDPEMAKRRQEELLLLQAEISNSRLDRFVGKKLKFLVEGKEGKFLVGRTWTEAPEVDGV
VFVRGKGKIGDFLEVVIKEHDEYDMWGSVILEHHHHHH
;
_entity_poly.pdbx_strand_id   A,B
#
loop_
_chem_comp.id
_chem_comp.type
_chem_comp.name
_chem_comp.formula
FS5 non-polymer 'IRON/SULFUR PENTA-SULFIDE CONNECTED CLUSTERS' 'Fe8 S13'
#
# COMPACT_ATOMS: atom_id res chain seq x y z
N ARG A 2 17.51 18.03 10.67
CA ARG A 2 16.34 17.49 9.91
C ARG A 2 15.67 16.35 10.69
N VAL A 3 14.39 16.08 10.42
CA VAL A 3 13.71 14.99 11.11
C VAL A 3 12.34 14.67 10.54
N GLY A 4 11.98 13.38 10.57
CA GLY A 4 10.70 12.90 10.04
C GLY A 4 9.89 12.34 11.18
N ILE A 5 8.58 12.60 11.16
CA ILE A 5 7.68 12.14 12.21
C ILE A 5 6.70 11.12 11.68
N LYS A 6 6.54 10.05 12.42
CA LYS A 6 5.62 9.01 12.05
C LYS A 6 4.40 9.08 12.96
N VAL A 7 3.39 9.83 12.53
CA VAL A 7 2.16 9.98 13.29
C VAL A 7 1.46 8.62 13.51
N LEU A 8 0.97 8.40 14.72
CA LEU A 8 0.28 7.15 15.03
C LEU A 8 -0.41 7.26 16.38
N GLY A 9 -1.52 6.55 16.54
CA GLY A 9 -2.21 6.59 17.80
C GLY A 9 -3.64 7.08 17.71
N CYS A 10 -3.83 8.34 17.32
CA CYS A 10 -5.18 8.88 17.20
C CYS A 10 -5.12 10.32 16.72
N PRO A 11 -6.28 10.89 16.34
CA PRO A 11 -6.30 12.27 15.87
C PRO A 11 -5.57 13.21 16.80
N LYS A 12 -5.79 13.09 18.11
CA LYS A 12 -5.13 13.98 19.06
C LYS A 12 -3.61 13.89 18.96
N ASN A 13 -3.13 12.67 18.79
CA ASN A 13 -1.70 12.46 18.68
C ASN A 13 -1.23 12.85 17.30
N GLU A 14 -2.12 12.80 16.32
CA GLU A 14 -1.73 13.17 14.97
C GLU A 14 -1.81 14.68 14.81
N ALA A 15 -2.27 15.36 15.87
CA ALA A 15 -2.40 16.81 15.88
C ALA A 15 -1.22 17.40 16.57
N ASP A 16 -0.86 16.79 17.69
CA ASP A 16 0.27 17.30 18.44
C ASP A 16 1.54 17.13 17.62
N CYS A 17 1.41 16.51 16.45
CA CYS A 17 2.56 16.31 15.55
C CYS A 17 2.60 17.40 14.50
N GLU A 18 1.45 17.68 13.92
CA GLU A 18 1.35 18.73 12.92
C GLU A 18 1.84 20.03 13.55
N VAL A 19 1.55 20.17 14.85
CA VAL A 19 1.91 21.35 15.63
C VAL A 19 3.40 21.36 15.95
N LEU A 20 3.91 20.21 16.38
CA LEU A 20 5.32 20.07 16.72
C LEU A 20 6.18 20.24 15.47
N ALA A 21 5.75 19.63 14.38
CA ALA A 21 6.48 19.72 13.13
C ALA A 21 6.72 21.17 12.79
N GLY A 22 5.77 22.05 13.11
CA GLY A 22 5.92 23.45 12.82
C GLY A 22 7.00 24.11 13.66
N VAL A 23 7.05 23.76 14.94
CA VAL A 23 8.03 24.31 15.87
C VAL A 23 9.46 23.96 15.47
N LEU A 24 9.63 22.80 14.85
CA LEU A 24 10.95 22.34 14.40
C LEU A 24 11.38 23.02 13.10
N ARG A 25 10.81 24.17 12.82
CA ARG A 25 11.16 24.91 11.64
C ARG A 25 12.34 25.81 11.99
N GLU A 26 12.62 25.93 13.29
CA GLU A 26 13.72 26.74 13.80
C GLU A 26 14.89 25.86 14.22
N GLY A 27 14.69 25.08 15.28
CA GLY A 27 15.74 24.19 15.76
C GLY A 27 15.89 22.95 14.91
N GLY A 28 14.94 22.71 14.01
CA GLY A 28 15.00 21.56 13.13
C GLY A 28 15.52 21.93 11.76
N HIS A 29 15.34 23.20 11.39
CA HIS A 29 15.79 23.71 10.09
C HIS A 29 15.10 23.05 8.89
N GLU A 30 14.68 21.79 9.04
CA GLU A 30 14.06 21.08 7.93
C GLU A 30 13.43 19.76 8.34
N ILE A 31 12.27 19.49 7.75
CA ILE A 31 11.55 18.26 8.05
C ILE A 31 11.54 17.34 6.84
N VAL A 32 12.17 16.19 6.98
CA VAL A 32 12.23 15.24 5.89
C VAL A 32 10.84 14.66 5.71
N PHE A 33 10.44 14.42 4.47
CA PHE A 33 9.12 13.86 4.16
C PHE A 33 9.01 12.43 4.66
N ASP A 34 9.72 12.13 5.76
CA ASP A 34 9.72 10.81 6.37
C ASP A 34 10.00 9.73 5.31
N VAL A 35 10.73 10.11 4.27
CA VAL A 35 11.09 9.20 3.19
C VAL A 35 12.24 8.28 3.61
N LYS A 36 12.31 8.01 4.91
CA LYS A 36 13.34 7.13 5.49
C LYS A 36 14.77 7.70 5.37
N ASP A 37 14.92 8.82 4.66
CA ASP A 37 16.23 9.44 4.50
C ASP A 37 16.41 10.61 5.44
N ALA A 38 15.90 10.46 6.67
CA ALA A 38 15.99 11.50 7.69
C ALA A 38 17.29 11.40 8.48
N ASP A 39 17.52 12.40 9.30
CA ASP A 39 18.72 12.42 10.12
C ASP A 39 18.30 11.77 11.43
N VAL A 40 17.18 12.24 11.97
CA VAL A 40 16.63 11.73 13.23
C VAL A 40 15.16 11.35 12.98
N VAL A 41 14.60 10.50 13.83
CA VAL A 41 13.22 10.07 13.67
C VAL A 41 12.38 10.19 14.93
N VAL A 42 11.14 10.61 14.76
CA VAL A 42 10.21 10.78 15.86
C VAL A 42 9.01 9.90 15.63
N LEU A 43 8.83 8.89 16.48
CA LEU A 43 7.73 7.96 16.34
C LEU A 43 6.64 8.20 17.39
N ASP A 44 5.49 8.68 16.98
CA ASP A 44 4.41 8.93 17.92
C ASP A 44 3.71 7.62 18.25
N THR A 45 3.42 7.39 19.52
CA THR A 45 2.79 6.14 19.92
C THR A 45 1.48 6.22 20.68
N CYS A 46 0.69 5.15 20.62
CA CYS A 46 -0.59 5.11 21.33
C CYS A 46 -0.43 4.14 22.47
N ALA A 47 -1.02 4.45 23.62
CA ALA A 47 -0.87 3.58 24.78
C ALA A 47 -2.11 2.80 25.15
N PHE A 48 -3.21 3.48 25.39
CA PHE A 48 -4.41 2.79 25.79
C PHE A 48 -5.49 2.72 24.74
N ILE A 49 -5.59 1.55 24.12
CA ILE A 49 -6.58 1.23 23.08
C ILE A 49 -6.60 -0.28 22.91
N GLU A 50 -5.88 -0.95 23.82
CA GLU A 50 -5.75 -2.40 23.89
C GLU A 50 -5.02 -3.03 22.71
N ASP A 51 -5.08 -2.37 21.56
CA ASP A 51 -4.45 -2.87 20.35
C ASP A 51 -3.42 -1.90 19.79
N ALA A 52 -3.79 -0.62 19.72
CA ALA A 52 -2.86 0.39 19.21
C ALA A 52 -1.53 0.31 19.94
N LYS A 53 -1.55 -0.16 21.18
CA LYS A 53 -0.35 -0.32 21.99
C LYS A 53 0.60 -1.26 21.29
N ARG A 54 0.02 -2.19 20.52
CA ARG A 54 0.79 -3.18 19.77
C ARG A 54 1.27 -2.60 18.46
N GLU A 55 0.35 -1.99 17.72
CA GLU A 55 0.72 -1.39 16.45
C GLU A 55 1.88 -0.39 16.68
N SER A 56 1.99 0.13 17.90
CA SER A 56 3.04 1.08 18.24
C SER A 56 4.28 0.35 18.70
N ILE A 57 4.11 -0.87 19.19
CA ILE A 57 5.24 -1.65 19.63
C ILE A 57 5.88 -2.36 18.43
N ASP A 58 5.05 -2.79 17.49
CA ASP A 58 5.52 -3.48 16.30
C ASP A 58 6.12 -2.43 15.40
N GLU A 59 5.71 -1.20 15.64
CA GLU A 59 6.20 -0.08 14.84
C GLU A 59 7.62 0.26 15.25
N ILE A 60 7.87 0.30 16.56
CA ILE A 60 9.19 0.61 17.07
C ILE A 60 10.23 -0.31 16.44
N PHE A 61 9.88 -1.58 16.29
CA PHE A 61 10.79 -2.55 15.69
C PHE A 61 10.90 -2.31 14.20
N SER A 62 9.79 -1.98 13.56
CA SER A 62 9.78 -1.71 12.13
C SER A 62 10.78 -0.58 11.83
N PHE A 63 11.23 0.08 12.89
CA PHE A 63 12.20 1.17 12.77
C PHE A 63 13.52 0.73 13.39
N VAL A 64 13.45 0.10 14.56
CA VAL A 64 14.64 -0.37 15.26
C VAL A 64 15.36 -1.45 14.45
N ASP A 65 14.59 -2.39 13.90
CA ASP A 65 15.16 -3.47 13.12
C ASP A 65 16.08 -2.96 12.02
N ALA A 66 15.68 -1.89 11.37
CA ALA A 66 16.48 -1.34 10.30
C ALA A 66 17.05 0.03 10.64
N LYS A 67 17.71 0.15 11.79
CA LYS A 67 18.30 1.42 12.18
C LYS A 67 19.62 1.59 11.45
N ASP A 68 20.45 0.54 11.50
CA ASP A 68 21.75 0.54 10.83
C ASP A 68 21.54 0.32 9.34
N GLN A 69 20.63 1.08 8.75
CA GLN A 69 20.33 0.97 7.33
C GLN A 69 20.18 2.37 6.75
N TYR A 70 19.86 3.33 7.61
CA TYR A 70 19.67 4.72 7.20
C TYR A 70 20.36 5.68 8.14
N GLY A 71 20.69 5.18 9.34
CA GLY A 71 21.36 5.99 10.34
C GLY A 71 20.53 7.14 10.85
N TYR A 72 19.68 6.89 11.83
CA TYR A 72 18.83 7.93 12.38
C TYR A 72 18.67 7.77 13.87
N LYS A 73 18.56 8.89 14.56
CA LYS A 73 18.41 8.88 16.00
C LYS A 73 16.97 8.47 16.34
N LEU A 74 16.75 7.19 16.57
CA LEU A 74 15.43 6.68 16.89
C LEU A 74 14.90 7.24 18.23
N VAL A 75 13.74 7.87 18.17
CA VAL A 75 13.11 8.45 19.35
C VAL A 75 11.67 8.02 19.47
N VAL A 76 11.33 7.37 20.57
CA VAL A 76 9.97 6.89 20.77
C VAL A 76 9.22 7.93 21.59
N LYS A 77 8.25 8.59 20.99
CA LYS A 77 7.47 9.61 21.67
C LYS A 77 6.00 9.22 21.62
N GLY A 78 5.26 9.64 22.63
CA GLY A 78 3.85 9.32 22.66
C GLY A 78 3.38 8.75 23.98
N CYS A 79 2.13 8.30 24.00
CA CYS A 79 1.51 7.76 25.20
C CYS A 79 2.17 6.51 25.70
N LEU A 80 2.41 5.56 24.80
CA LEU A 80 3.01 4.29 25.18
C LEU A 80 4.25 4.44 26.05
N VAL A 81 5.00 5.52 25.85
CA VAL A 81 6.22 5.74 26.62
C VAL A 81 5.97 6.47 27.94
N GLN A 82 4.80 7.09 28.03
CA GLN A 82 4.44 7.84 29.22
C GLN A 82 4.06 6.89 30.33
N ARG A 83 3.55 5.72 29.99
CA ARG A 83 3.18 4.78 31.04
C ARG A 83 3.92 3.45 30.95
N TYR A 84 4.95 3.41 30.11
CA TYR A 84 5.74 2.20 29.93
C TYR A 84 7.19 2.58 29.72
N TYR A 85 7.67 3.56 30.48
CA TYR A 85 9.05 4.01 30.37
C TYR A 85 9.99 2.98 31.00
N GLU A 86 9.60 2.46 32.15
CA GLU A 86 10.39 1.47 32.88
C GLU A 86 10.59 0.21 32.05
N GLU A 87 9.47 -0.37 31.59
CA GLU A 87 9.52 -1.60 30.80
C GLU A 87 10.09 -1.46 29.40
N LEU A 88 9.74 -0.38 28.70
CA LEU A 88 10.22 -0.17 27.34
C LEU A 88 11.73 0.06 27.27
N LYS A 89 12.21 1.04 28.01
CA LYS A 89 13.62 1.36 28.01
C LYS A 89 14.46 0.19 28.51
N LYS A 90 13.83 -0.73 29.24
CA LYS A 90 14.54 -1.89 29.77
C LYS A 90 14.63 -3.01 28.71
N GLU A 91 13.77 -2.93 27.70
CA GLU A 91 13.75 -3.92 26.63
C GLU A 91 14.38 -3.42 25.34
N ILE A 92 14.10 -2.18 24.98
CA ILE A 92 14.66 -1.59 23.76
C ILE A 92 15.53 -0.36 24.04
N PRO A 93 16.72 -0.58 24.63
CA PRO A 93 17.65 0.50 24.95
C PRO A 93 18.41 1.06 23.75
N GLU A 94 18.34 0.34 22.63
CA GLU A 94 19.03 0.77 21.43
C GLU A 94 18.53 2.13 20.97
N VAL A 95 17.31 2.51 21.36
CA VAL A 95 16.79 3.83 20.98
C VAL A 95 17.69 4.88 21.60
N ASP A 96 17.51 6.14 21.22
CA ASP A 96 18.35 7.18 21.77
C ASP A 96 17.61 8.10 22.74
N GLN A 97 16.35 8.36 22.45
CA GLN A 97 15.58 9.25 23.31
C GLN A 97 14.18 8.73 23.61
N TRP A 98 13.58 9.26 24.68
CA TRP A 98 12.26 8.88 25.14
C TRP A 98 11.50 10.11 25.59
N ILE A 99 10.23 10.21 25.19
CA ILE A 99 9.40 11.33 25.57
C ILE A 99 7.90 11.00 25.46
N GLY A 100 7.07 11.67 26.26
CA GLY A 100 5.62 11.47 26.22
C GLY A 100 4.74 12.69 25.95
N VAL A 101 4.47 13.46 27.00
CA VAL A 101 3.64 14.67 26.91
C VAL A 101 4.40 15.99 26.68
N ALA A 102 3.73 17.13 26.88
CA ALA A 102 4.33 18.45 26.66
C ALA A 102 4.56 18.72 25.18
N ASP A 103 4.90 19.96 24.85
CA ASP A 103 5.17 20.32 23.46
C ASP A 103 6.39 21.24 23.31
N PRO A 104 6.45 22.32 24.09
CA PRO A 104 7.59 23.25 24.01
C PRO A 104 8.88 22.63 24.54
N GLU A 105 9.04 21.33 24.35
CA GLU A 105 10.25 20.66 24.83
C GLU A 105 11.11 20.13 23.70
N GLU A 106 10.47 19.46 22.74
CA GLU A 106 11.19 18.92 21.60
C GLU A 106 11.98 19.99 20.88
N ILE A 107 11.64 21.24 21.15
CA ILE A 107 12.30 22.39 20.53
C ILE A 107 13.73 22.57 21.07
N ALA A 108 13.88 22.36 22.38
CA ALA A 108 15.16 22.49 23.03
C ALA A 108 15.49 21.20 23.77
N ASN A 109 15.06 20.06 23.23
CA ASN A 109 15.31 18.75 23.84
C ASN A 109 15.58 17.70 22.78
N ALA A 110 14.70 17.63 21.79
CA ALA A 110 14.84 16.68 20.72
C ALA A 110 16.07 17.04 19.92
N ILE A 111 16.90 17.94 20.45
CA ILE A 111 18.12 18.38 19.76
C ILE A 111 19.37 17.79 20.40
N GLU A 112 19.26 16.56 20.91
CA GLU A 112 20.38 15.89 21.58
C GLU A 112 20.11 14.39 21.80
N THR A 115 18.97 12.34 26.63
CA THR A 115 18.05 13.32 27.21
C THR A 115 16.61 12.84 27.14
N ASP A 116 16.19 12.08 28.15
CA ASP A 116 14.85 11.57 28.20
C ASP A 116 14.03 12.38 29.22
N LEU A 117 12.70 12.33 29.10
CA LEU A 117 11.84 13.05 30.04
C LEU A 117 10.38 12.61 30.04
N VAL A 118 9.79 12.55 31.23
CA VAL A 118 8.39 12.15 31.41
C VAL A 118 7.97 12.49 32.83
N PRO A 119 7.91 13.78 33.16
CA PRO A 119 7.52 14.24 34.50
C PRO A 119 6.09 13.88 34.92
N ASP A 120 5.13 14.61 34.36
CA ASP A 120 3.72 14.39 34.64
C ASP A 120 2.86 14.37 33.35
N ARG A 127 0.99 28.39 25.47
CA ARG A 127 1.13 29.55 24.58
C ARG A 127 0.45 29.21 23.27
N TYR A 128 0.85 29.91 22.21
CA TYR A 128 0.33 29.67 20.86
C TYR A 128 1.46 29.28 19.90
N ARG A 129 1.10 28.53 18.86
CA ARG A 129 2.07 28.09 17.89
C ARG A 129 1.48 27.90 16.50
N LYS A 130 2.35 27.65 15.54
CA LYS A 130 1.95 27.44 14.16
C LYS A 130 2.15 25.98 13.83
N ARG A 131 1.61 25.54 12.70
CA ARG A 131 1.71 24.13 12.31
C ARG A 131 1.85 23.95 10.81
N ILE A 132 2.05 22.71 10.40
CA ILE A 132 2.19 22.37 8.98
C ILE A 132 1.85 20.92 8.76
N ASP A 133 0.92 20.66 7.85
CA ASP A 133 0.53 19.29 7.58
C ASP A 133 1.63 18.54 6.85
N LEU A 134 1.83 17.28 7.26
CA LEU A 134 2.86 16.42 6.66
C LEU A 134 2.31 15.46 5.62
N GLU A 135 1.23 15.84 4.95
CA GLU A 135 0.65 15.00 3.92
C GLU A 135 -0.37 15.78 3.07
N GLU A 136 -0.84 15.13 2.00
CA GLU A 136 -1.81 15.74 1.09
C GLU A 136 -3.25 15.34 1.40
N ARG A 137 -3.75 15.83 2.53
CA ARG A 137 -5.12 15.57 2.95
C ARG A 137 -5.88 16.88 3.09
N PRO A 138 -7.13 16.90 2.62
CA PRO A 138 -7.97 18.11 2.69
C PRO A 138 -8.50 18.43 4.11
N TYR A 139 -8.35 17.50 5.04
CA TYR A 139 -8.81 17.72 6.41
C TYR A 139 -7.68 18.04 7.37
N ALA A 140 -8.03 18.42 8.60
CA ALA A 140 -7.05 18.76 9.64
C ALA A 140 -7.70 18.74 11.02
N TYR A 141 -7.10 17.99 11.94
CA TYR A 141 -7.60 17.89 13.28
C TYR A 141 -7.15 19.10 14.05
N VAL A 142 -8.00 19.55 14.98
CA VAL A 142 -7.74 20.71 15.80
C VAL A 142 -8.05 20.35 17.24
N LYS A 143 -7.02 20.31 18.08
CA LYS A 143 -7.22 19.98 19.49
C LYS A 143 -7.68 21.21 20.22
N ILE A 144 -8.85 21.13 20.83
CA ILE A 144 -9.38 22.27 21.57
C ILE A 144 -9.19 22.13 23.08
N SER A 145 -8.78 20.93 23.50
CA SER A 145 -8.59 20.67 24.92
C SER A 145 -8.01 19.29 25.17
N ASP A 146 -7.13 19.17 26.16
CA ASP A 146 -6.54 17.87 26.47
C ASP A 146 -6.87 17.54 27.92
N GLY A 147 -6.89 16.24 28.23
CA GLY A 147 -7.23 15.80 29.58
C GLY A 147 -8.72 15.49 29.70
N CYS A 148 -9.19 15.23 30.91
CA CYS A 148 -10.58 14.89 31.07
C CYS A 148 -10.88 14.64 32.53
N ASP A 149 -11.88 15.34 33.07
CA ASP A 149 -12.28 15.18 34.46
C ASP A 149 -13.58 14.38 34.58
N ARG A 150 -13.83 13.49 33.61
CA ARG A 150 -15.07 12.71 33.60
C ARG A 150 -14.90 11.41 34.34
N GLY A 151 -15.97 11.00 35.03
CA GLY A 151 -15.89 9.77 35.79
C GLY A 151 -16.02 8.51 34.95
N CYS A 152 -14.88 7.95 34.53
CA CYS A 152 -14.89 6.73 33.70
C CYS A 152 -14.03 5.69 34.39
N THR A 153 -14.69 4.72 35.01
CA THR A 153 -14.01 3.69 35.75
C THR A 153 -12.93 2.91 35.04
N PHE A 154 -13.00 2.85 33.72
CA PHE A 154 -11.99 2.11 32.97
C PHE A 154 -10.84 2.96 32.49
N CYS A 155 -11.15 4.19 32.08
CA CYS A 155 -10.13 5.09 31.58
C CYS A 155 -9.11 5.44 32.64
N SER A 156 -7.84 5.54 32.25
CA SER A 156 -6.75 5.88 33.16
C SER A 156 -6.16 7.24 32.83
N ILE A 157 -6.85 7.98 31.97
CA ILE A 157 -6.38 9.31 31.58
C ILE A 157 -6.57 10.35 32.68
N PRO A 158 -7.60 10.23 33.52
CA PRO A 158 -7.84 11.20 34.59
C PRO A 158 -6.62 11.53 35.48
N SER A 159 -5.52 10.83 35.27
CA SER A 159 -4.31 11.06 36.03
C SER A 159 -3.11 10.60 35.20
N PHE A 160 -3.24 10.66 33.88
CA PHE A 160 -2.17 10.24 32.98
C PHE A 160 -1.84 11.32 31.96
N LYS A 161 -2.85 12.07 31.54
CA LYS A 161 -2.66 13.15 30.58
C LYS A 161 -3.04 14.50 31.18
N GLY A 162 -3.05 14.55 32.51
CA GLY A 162 -3.35 15.80 33.17
C GLY A 162 -4.83 16.02 33.39
N SER A 163 -5.17 17.19 33.92
CA SER A 163 -6.56 17.51 34.18
C SER A 163 -7.16 18.20 32.94
N LEU A 164 -8.37 18.74 33.08
CA LEU A 164 -9.04 19.38 31.95
C LEU A 164 -8.45 20.77 31.69
N ARG A 165 -7.81 20.91 30.54
CA ARG A 165 -7.21 22.18 30.14
C ARG A 165 -7.59 22.48 28.70
N SER A 166 -8.59 23.35 28.52
CA SER A 166 -9.05 23.68 27.18
C SER A 166 -8.49 25.02 26.67
N ARG A 167 -8.35 25.14 25.35
CA ARG A 167 -7.84 26.35 24.71
C ARG A 167 -8.93 27.40 24.66
N SER A 168 -8.60 28.62 24.25
CA SER A 168 -9.60 29.66 24.18
C SER A 168 -10.25 29.72 22.82
N ILE A 169 -11.48 30.23 22.78
CA ILE A 169 -12.19 30.35 21.52
C ILE A 169 -11.31 31.03 20.44
N GLU A 170 -10.85 32.24 20.70
CA GLU A 170 -10.02 32.94 19.73
C GLU A 170 -8.84 32.08 19.30
N ASP A 171 -8.16 31.48 20.27
CA ASP A 171 -7.00 30.63 20.00
C ASP A 171 -7.35 29.58 18.95
N ILE A 172 -8.31 28.72 19.29
CA ILE A 172 -8.77 27.68 18.40
C ILE A 172 -9.23 28.34 17.11
N THR A 173 -9.84 29.53 17.22
CA THR A 173 -10.31 30.27 16.07
C THR A 173 -9.16 30.64 15.15
N ARG A 174 -8.12 31.25 15.72
CA ARG A 174 -6.96 31.67 14.96
C ARG A 174 -6.40 30.51 14.16
N GLU A 175 -6.24 29.37 14.83
CA GLU A 175 -5.72 28.17 14.17
C GLU A 175 -6.61 27.78 12.99
N VAL A 176 -7.88 27.57 13.27
CA VAL A 176 -8.81 27.20 12.24
C VAL A 176 -8.79 28.20 11.09
N GLU A 177 -8.69 29.47 11.44
CA GLU A 177 -8.67 30.54 10.44
C GLU A 177 -7.53 30.31 9.43
N ASP A 178 -6.30 30.26 9.94
CA ASP A 178 -5.14 30.07 9.07
C ASP A 178 -5.14 28.76 8.32
N LEU A 179 -5.76 27.73 8.88
CA LEU A 179 -5.82 26.43 8.20
C LEU A 179 -6.65 26.56 6.95
N LEU A 180 -7.81 27.18 7.10
CA LEU A 180 -8.68 27.36 5.96
C LEU A 180 -7.97 28.12 4.86
N LYS A 181 -7.24 29.16 5.25
CA LYS A 181 -6.52 29.98 4.29
C LYS A 181 -5.49 29.20 3.47
N GLU A 182 -4.77 28.27 4.10
CA GLU A 182 -3.76 27.51 3.37
C GLU A 182 -4.42 26.47 2.45
N GLY A 183 -5.75 26.39 2.53
CA GLY A 183 -6.45 25.45 1.70
C GLY A 183 -6.83 24.21 2.44
N LYS A 184 -7.83 24.33 3.31
CA LYS A 184 -8.30 23.17 4.06
C LYS A 184 -9.81 23.15 4.00
N LYS A 185 -10.40 22.01 3.67
CA LYS A 185 -11.84 21.95 3.56
C LYS A 185 -12.52 21.15 4.66
N GLU A 186 -11.72 20.55 5.54
CA GLU A 186 -12.29 19.76 6.62
C GLU A 186 -11.67 20.04 7.98
N ILE A 187 -12.45 20.60 8.89
CA ILE A 187 -11.96 20.91 10.22
C ILE A 187 -12.54 19.95 11.24
N ILE A 188 -11.70 19.12 11.83
CA ILE A 188 -12.17 18.13 12.80
C ILE A 188 -11.73 18.47 14.20
N LEU A 189 -12.70 18.71 15.09
CA LEU A 189 -12.40 19.04 16.49
C LEU A 189 -12.16 17.80 17.34
N VAL A 190 -10.94 17.69 17.87
CA VAL A 190 -10.59 16.54 18.65
C VAL A 190 -10.28 16.87 20.09
N ALA A 191 -10.28 15.83 20.91
CA ALA A 191 -10.01 15.90 22.35
C ALA A 191 -10.36 14.59 23.03
N GLN A 192 -10.24 14.58 24.35
CA GLN A 192 -10.57 13.39 25.11
C GLN A 192 -12.09 13.40 25.24
N ASP A 193 -12.64 14.58 25.45
CA ASP A 193 -14.07 14.75 25.62
C ASP A 193 -14.48 16.12 25.17
N THR A 194 -15.01 16.19 23.96
CA THR A 194 -15.46 17.43 23.37
C THR A 194 -16.49 18.18 24.21
N THR A 195 -17.30 17.45 24.97
CA THR A 195 -18.34 18.08 25.78
C THR A 195 -17.82 18.79 27.03
N SER A 196 -16.56 18.56 27.36
CA SER A 196 -15.96 19.17 28.53
C SER A 196 -15.33 20.51 28.30
N TYR A 197 -15.25 20.90 27.03
CA TYR A 197 -14.64 22.19 26.65
C TYR A 197 -15.29 23.43 27.23
N GLY A 198 -14.45 24.27 27.83
CA GLY A 198 -14.93 25.50 28.40
C GLY A 198 -15.10 25.48 29.90
N ILE A 199 -15.60 24.38 30.45
CA ILE A 199 -15.81 24.26 31.89
C ILE A 199 -14.63 24.82 32.72
N ASP A 200 -13.42 24.67 32.20
CA ASP A 200 -12.21 25.12 32.88
C ASP A 200 -11.82 26.57 32.62
N LEU A 201 -12.33 27.11 31.53
CA LEU A 201 -12.03 28.49 31.15
C LEU A 201 -13.19 29.45 31.32
N TYR A 202 -14.30 29.18 30.65
CA TYR A 202 -15.48 30.02 30.67
C TYR A 202 -16.50 29.54 31.70
N ARG A 203 -16.03 28.85 32.73
CA ARG A 203 -16.89 28.37 33.81
C ARG A 203 -18.24 27.82 33.33
N LYS A 204 -18.27 27.28 32.11
CA LYS A 204 -19.50 26.69 31.56
C LYS A 204 -19.25 26.02 30.18
N GLN A 205 -20.17 25.16 29.75
CA GLN A 205 -20.03 24.47 28.48
C GLN A 205 -20.12 25.47 27.36
N ALA A 206 -18.96 25.84 26.85
CA ALA A 206 -18.92 26.82 25.79
C ALA A 206 -18.78 26.16 24.43
N LEU A 207 -18.97 24.85 24.36
CA LEU A 207 -18.86 24.16 23.08
C LEU A 207 -19.72 24.83 22.02
N PRO A 208 -21.00 25.09 22.33
CA PRO A 208 -21.85 25.74 21.34
C PRO A 208 -21.26 27.09 20.94
N ASP A 209 -20.80 27.86 21.92
CA ASP A 209 -20.22 29.18 21.65
C ASP A 209 -19.06 29.09 20.66
N LEU A 210 -18.32 27.99 20.73
CA LEU A 210 -17.18 27.76 19.84
C LEU A 210 -17.69 27.47 18.45
N LEU A 211 -18.58 26.48 18.33
CA LEU A 211 -19.15 26.13 17.04
C LEU A 211 -19.74 27.36 16.35
N ARG A 212 -20.61 28.07 17.05
CA ARG A 212 -21.22 29.26 16.48
C ARG A 212 -20.16 30.18 15.92
N ARG A 213 -19.04 30.29 16.63
CA ARG A 213 -17.94 31.16 16.23
C ARG A 213 -17.31 30.69 14.90
N LEU A 214 -16.86 29.43 14.87
CA LEU A 214 -16.20 28.84 13.72
C LEU A 214 -17.13 28.78 12.51
N ASN A 215 -18.39 28.48 12.78
CA ASN A 215 -19.39 28.41 11.75
C ASN A 215 -19.56 29.78 11.05
N SER A 216 -18.93 30.82 11.60
CA SER A 216 -19.02 32.18 11.04
C SER A 216 -18.00 32.43 9.94
N LEU A 217 -16.78 31.93 10.13
CA LEU A 217 -15.72 32.10 9.16
C LEU A 217 -16.23 31.93 7.73
N ASN A 218 -15.64 32.67 6.79
CA ASN A 218 -16.04 32.63 5.39
C ASN A 218 -15.45 31.43 4.69
N GLY A 219 -16.05 31.07 3.56
CA GLY A 219 -15.55 29.94 2.79
C GLY A 219 -16.32 28.67 3.11
N GLU A 220 -16.55 27.83 2.10
CA GLU A 220 -17.29 26.60 2.29
C GLU A 220 -16.35 25.54 2.86
N PHE A 221 -16.73 24.97 3.99
CA PHE A 221 -15.92 23.95 4.65
C PHE A 221 -16.76 23.13 5.64
N TRP A 222 -16.22 21.98 6.05
CA TRP A 222 -16.90 21.12 7.01
C TRP A 222 -16.30 21.20 8.42
N ILE A 223 -17.18 21.12 9.40
CA ILE A 223 -16.81 21.15 10.81
C ILE A 223 -17.35 19.86 11.44
N ARG A 224 -16.44 19.00 11.88
CA ARG A 224 -16.79 17.72 12.50
C ARG A 224 -16.35 17.70 13.96
N VAL A 225 -17.22 17.14 14.79
CA VAL A 225 -16.94 17.08 16.21
C VAL A 225 -16.92 15.62 16.58
N MET A 226 -15.91 15.23 17.36
CA MET A 226 -15.77 13.84 17.80
C MET A 226 -15.58 13.68 19.30
N TYR A 227 -15.57 12.43 19.74
CA TYR A 227 -15.41 12.12 21.15
C TYR A 227 -16.44 12.84 22.03
N LEU A 228 -17.72 12.59 21.79
CA LEU A 228 -18.83 13.20 22.54
C LEU A 228 -19.29 12.27 23.66
N HIS A 229 -19.06 12.66 24.91
CA HIS A 229 -19.46 11.89 26.09
C HIS A 229 -20.95 12.15 26.24
N PRO A 230 -21.75 11.09 26.14
CA PRO A 230 -23.21 11.11 26.24
C PRO A 230 -23.83 11.78 27.46
N ASP A 231 -23.21 11.60 28.63
CA ASP A 231 -23.74 12.16 29.86
C ASP A 231 -23.71 13.67 29.88
N HIS A 232 -22.76 14.26 29.18
CA HIS A 232 -22.68 15.70 29.14
C HIS A 232 -22.98 16.28 27.75
N LEU A 233 -23.87 15.61 27.01
CA LEU A 233 -24.26 16.10 25.70
C LEU A 233 -25.57 16.87 25.86
N THR A 234 -25.46 18.10 26.37
CA THR A 234 -26.59 18.99 26.59
C THR A 234 -27.34 19.32 25.30
N GLU A 235 -28.65 19.42 25.44
CA GLU A 235 -29.47 19.72 24.30
C GLU A 235 -28.97 20.97 23.61
N GLU A 236 -28.30 21.84 24.37
CA GLU A 236 -27.78 23.09 23.83
C GLU A 236 -26.74 22.82 22.76
N ILE A 237 -26.01 21.71 22.91
CA ILE A 237 -24.98 21.30 21.94
C ILE A 237 -25.62 20.61 20.74
N ILE A 238 -26.51 19.66 21.03
CA ILE A 238 -27.25 18.95 20.00
C ILE A 238 -27.94 19.98 19.13
N SER A 239 -28.73 20.86 19.73
CA SER A 239 -29.40 21.87 18.93
C SER A 239 -28.41 22.72 18.18
N ALA A 240 -27.17 22.76 18.68
CA ALA A 240 -26.13 23.56 18.05
C ALA A 240 -25.56 22.85 16.83
N MET A 241 -25.18 21.59 17.01
CA MET A 241 -24.63 20.81 15.90
C MET A 241 -25.70 20.54 14.87
N LEU A 242 -26.95 20.89 15.13
CA LEU A 242 -27.99 20.62 14.16
C LEU A 242 -28.50 21.89 13.51
N GLU A 243 -28.21 23.01 14.15
CA GLU A 243 -28.68 24.30 13.65
C GLU A 243 -27.69 24.91 12.66
N LEU A 244 -26.40 24.87 13.00
CA LEU A 244 -25.36 25.42 12.15
C LEU A 244 -25.36 24.70 10.81
N ASP A 245 -25.25 25.45 9.73
CA ASP A 245 -25.30 24.89 8.38
C ASP A 245 -23.93 24.47 7.86
N LYS A 246 -22.96 24.42 8.76
CA LYS A 246 -21.65 24.04 8.31
C LYS A 246 -21.12 22.86 9.14
N VAL A 247 -21.92 22.43 10.12
CA VAL A 247 -21.52 21.34 11.02
C VAL A 247 -22.13 20.04 10.57
N VAL A 248 -21.29 19.16 10.05
CA VAL A 248 -21.77 17.87 9.59
C VAL A 248 -22.49 17.16 10.72
N LYS A 249 -23.74 16.76 10.43
CA LYS A 249 -24.56 16.08 11.41
C LYS A 249 -24.02 14.71 11.75
N TYR A 250 -22.77 14.69 12.23
CA TYR A 250 -22.09 13.45 12.60
C TYR A 250 -21.93 13.43 14.13
N PHE A 251 -22.66 12.54 14.80
CA PHE A 251 -22.58 12.44 16.25
C PHE A 251 -21.82 11.20 16.70
N ASP A 252 -20.59 11.44 17.13
CA ASP A 252 -19.75 10.38 17.63
C ASP A 252 -19.83 10.34 19.15
N VAL A 253 -20.85 9.67 19.68
CA VAL A 253 -21.03 9.56 21.12
C VAL A 253 -20.89 8.14 21.69
N PRO A 254 -19.72 7.80 22.26
CA PRO A 254 -19.46 6.47 22.83
C PRO A 254 -20.16 6.21 24.16
N VAL A 255 -21.08 5.26 24.16
CA VAL A 255 -21.83 4.96 25.37
C VAL A 255 -21.14 3.91 26.21
N GLN A 256 -20.16 3.22 25.61
CA GLN A 256 -19.38 2.13 26.21
C GLN A 256 -20.19 0.85 26.46
N HIS A 257 -21.47 1.01 26.80
CA HIS A 257 -22.35 -0.14 27.10
C HIS A 257 -23.80 0.33 27.15
N GLY A 258 -24.71 -0.60 27.48
CA GLY A 258 -26.12 -0.25 27.55
C GLY A 258 -26.92 -1.00 28.62
N SER A 259 -26.28 -1.20 29.75
CA SER A 259 -26.96 -1.89 30.82
C SER A 259 -26.97 -0.99 32.05
N ASP A 260 -28.17 -0.73 32.56
CA ASP A 260 -28.32 0.11 33.72
C ASP A 260 -27.39 -0.33 34.84
N LYS A 261 -27.12 -1.62 34.91
CA LYS A 261 -26.23 -2.12 35.94
C LYS A 261 -24.75 -1.87 35.60
N ILE A 262 -24.41 -2.01 34.32
CA ILE A 262 -23.04 -1.86 33.85
C ILE A 262 -22.67 -0.40 33.64
N LEU A 263 -23.66 0.42 33.37
CA LEU A 263 -23.37 1.82 33.16
C LEU A 263 -23.00 2.51 34.47
N LYS A 264 -23.84 2.35 35.48
CA LYS A 264 -23.60 2.97 36.79
C LYS A 264 -22.23 2.57 37.26
N LEU A 265 -21.83 1.37 36.89
CA LEU A 265 -20.53 0.85 37.29
C LEU A 265 -19.40 1.52 36.50
N MET A 266 -19.63 1.76 35.22
CA MET A 266 -18.62 2.40 34.38
C MET A 266 -18.46 3.86 34.82
N GLY A 267 -19.38 4.31 35.67
CA GLY A 267 -19.31 5.67 36.13
C GLY A 267 -20.30 6.59 35.44
N ARG A 268 -20.88 6.15 34.33
CA ARG A 268 -21.85 7.01 33.62
C ARG A 268 -23.08 7.42 34.46
N THR A 269 -23.63 8.60 34.17
CA THR A 269 -24.81 9.08 34.86
C THR A 269 -26.11 8.64 34.17
N LYS A 270 -26.34 9.15 32.97
CA LYS A 270 -27.53 8.80 32.20
C LYS A 270 -27.63 7.29 32.05
N SER A 271 -28.87 6.79 32.06
CA SER A 271 -29.15 5.35 31.90
C SER A 271 -29.52 5.00 30.43
N SER A 272 -29.67 3.71 30.19
CA SER A 272 -29.99 3.22 28.86
C SER A 272 -31.27 3.85 28.39
N GLU A 273 -32.11 4.25 29.33
CA GLU A 273 -33.39 4.86 29.01
C GLU A 273 -33.22 6.27 28.49
N GLU A 274 -32.60 7.10 29.32
CA GLU A 274 -32.36 8.47 28.97
C GLU A 274 -31.47 8.55 27.76
N LEU A 275 -30.49 7.65 27.64
CA LEU A 275 -29.57 7.62 26.48
C LEU A 275 -30.35 7.43 25.18
N LYS A 276 -31.32 6.54 25.21
CA LYS A 276 -32.19 6.30 24.07
C LYS A 276 -33.00 7.58 23.75
N LYS A 277 -33.66 8.13 24.77
CA LYS A 277 -34.48 9.33 24.62
C LYS A 277 -33.69 10.43 23.90
N MET A 278 -32.41 10.54 24.23
CA MET A 278 -31.58 11.55 23.62
C MET A 278 -31.20 11.19 22.19
N LEU A 279 -30.82 9.93 21.97
CA LEU A 279 -30.38 9.52 20.64
C LEU A 279 -31.50 9.55 19.62
N SER A 280 -32.57 8.84 19.93
CA SER A 280 -33.69 8.78 19.03
C SER A 280 -34.23 10.17 18.71
N SER A 281 -34.04 11.11 19.63
CA SER A 281 -34.52 12.48 19.44
C SER A 281 -33.78 13.21 18.33
N ILE A 282 -32.50 12.88 18.16
CA ILE A 282 -31.68 13.48 17.11
C ILE A 282 -32.11 12.93 15.76
N ARG A 283 -32.41 11.64 15.72
CA ARG A 283 -32.88 10.98 14.51
C ARG A 283 -34.24 11.54 14.07
N GLU A 284 -35.09 11.92 15.01
CA GLU A 284 -36.38 12.49 14.68
C GLU A 284 -36.20 13.85 14.02
N ARG A 285 -35.15 14.57 14.40
CA ARG A 285 -34.93 15.88 13.85
C ARG A 285 -34.13 15.81 12.55
N PHE A 286 -33.50 14.67 12.31
CA PHE A 286 -32.73 14.50 11.10
C PHE A 286 -32.45 13.02 10.94
N PRO A 287 -33.40 12.29 10.34
CA PRO A 287 -33.34 10.84 10.10
C PRO A 287 -32.05 10.29 9.48
N ASP A 288 -31.30 11.17 8.81
CA ASP A 288 -30.05 10.76 8.17
C ASP A 288 -28.84 10.99 9.07
N ALA A 289 -29.11 11.44 10.28
CA ALA A 289 -28.06 11.73 11.23
C ALA A 289 -27.20 10.50 11.42
N VAL A 290 -25.89 10.67 11.32
CA VAL A 290 -24.96 9.55 11.49
C VAL A 290 -24.55 9.49 12.98
N LEU A 291 -24.83 8.37 13.62
CA LEU A 291 -24.48 8.18 15.04
C LEU A 291 -23.41 7.10 15.25
N ARG A 292 -22.20 7.48 15.59
CA ARG A 292 -21.15 6.47 15.82
C ARG A 292 -20.83 6.35 17.29
N THR A 293 -20.76 5.13 17.79
CA THR A 293 -20.44 4.88 19.20
C THR A 293 -19.48 3.70 19.45
N SER A 294 -18.98 3.65 20.66
CA SER A 294 -18.04 2.61 21.02
C SER A 294 -18.71 1.74 22.07
N ILE A 295 -18.09 0.60 22.36
CA ILE A 295 -18.59 -0.39 23.31
C ILE A 295 -17.47 -1.16 23.96
N ILE A 296 -17.72 -1.62 25.18
CA ILE A 296 -16.70 -2.37 25.89
C ILE A 296 -17.35 -3.62 26.45
N VAL A 297 -17.03 -4.77 25.86
CA VAL A 297 -17.57 -6.03 26.33
C VAL A 297 -16.62 -6.66 27.36
N GLY A 298 -17.17 -7.49 28.27
CA GLY A 298 -16.37 -8.15 29.29
C GLY A 298 -15.99 -7.24 30.45
N PHE A 299 -16.73 -6.14 30.61
CA PHE A 299 -16.46 -5.20 31.69
C PHE A 299 -16.69 -5.94 32.99
N PRO A 300 -15.88 -5.68 34.02
CA PRO A 300 -16.01 -6.34 35.32
C PRO A 300 -17.42 -6.19 35.86
N GLY A 301 -18.13 -7.31 35.93
CA GLY A 301 -19.49 -7.32 36.43
C GLY A 301 -20.50 -7.61 35.33
N GLU A 302 -20.01 -7.79 34.10
CA GLU A 302 -20.87 -8.07 32.96
C GLU A 302 -21.41 -9.49 33.05
N THR A 303 -22.74 -9.64 32.98
CA THR A 303 -23.35 -10.95 33.08
C THR A 303 -24.15 -11.32 31.83
N GLU A 304 -24.75 -12.50 31.86
CA GLU A 304 -25.57 -12.99 30.76
C GLU A 304 -26.58 -11.91 30.33
N GLU A 305 -27.52 -11.58 31.23
CA GLU A 305 -28.58 -10.59 30.98
C GLU A 305 -28.06 -9.27 30.46
N ASP A 306 -27.00 -8.78 31.08
CA ASP A 306 -26.39 -7.52 30.68
C ASP A 306 -26.03 -7.48 29.22
N PHE A 307 -25.51 -8.58 28.67
CA PHE A 307 -25.11 -8.62 27.26
C PHE A 307 -26.35 -8.67 26.36
N GLU A 308 -27.36 -9.43 26.78
CA GLU A 308 -28.60 -9.52 26.01
C GLU A 308 -29.32 -8.15 26.09
N GLU A 309 -29.11 -7.42 27.20
CA GLU A 309 -29.68 -6.10 27.34
C GLU A 309 -28.99 -5.18 26.33
N LEU A 310 -27.66 -5.25 26.33
CA LEU A 310 -26.83 -4.47 25.40
C LEU A 310 -27.13 -4.79 23.95
N LYS A 311 -27.26 -6.08 23.63
CA LYS A 311 -27.54 -6.49 22.26
C LYS A 311 -28.85 -5.90 21.74
N GLN A 312 -29.87 -5.90 22.58
CA GLN A 312 -31.16 -5.38 22.15
C GLN A 312 -31.13 -3.87 22.14
N PHE A 313 -30.17 -3.32 22.87
CA PHE A 313 -30.03 -1.87 22.97
C PHE A 313 -29.54 -1.27 21.65
N VAL A 314 -28.52 -1.92 21.06
CA VAL A 314 -27.92 -1.50 19.81
C VAL A 314 -28.83 -1.82 18.66
N GLU A 315 -29.66 -2.85 18.87
CA GLU A 315 -30.64 -3.32 17.90
C GLU A 315 -31.80 -2.35 17.83
N GLU A 316 -31.97 -1.55 18.88
CA GLU A 316 -33.07 -0.59 18.97
C GLU A 316 -32.70 0.81 18.52
N ILE A 317 -31.54 1.28 18.95
CA ILE A 317 -31.09 2.60 18.56
C ILE A 317 -30.70 2.67 17.08
N GLN A 318 -30.07 1.63 16.57
CA GLN A 318 -29.66 1.57 15.16
C GLN A 318 -28.50 2.52 14.84
N PHE A 319 -27.31 2.15 15.27
CA PHE A 319 -26.12 2.95 15.04
C PHE A 319 -25.53 2.76 13.65
N ASP A 320 -25.22 3.87 12.97
CA ASP A 320 -24.64 3.80 11.63
C ASP A 320 -23.32 3.06 11.68
N LYS A 321 -22.41 3.54 12.53
CA LYS A 321 -21.12 2.91 12.71
C LYS A 321 -20.91 2.59 14.18
N LEU A 322 -20.61 1.32 14.48
CA LEU A 322 -20.39 0.88 15.85
C LEU A 322 -19.10 0.04 16.03
N GLY A 323 -18.40 0.26 17.13
CA GLY A 323 -17.18 -0.51 17.33
C GLY A 323 -17.16 -1.14 18.70
N ALA A 324 -16.83 -2.42 18.79
CA ALA A 324 -16.79 -3.09 20.09
C ALA A 324 -15.35 -3.38 20.48
N PHE A 325 -15.04 -3.31 21.78
CA PHE A 325 -13.69 -3.57 22.26
C PHE A 325 -13.73 -4.41 23.51
N VAL A 326 -12.84 -5.39 23.63
CA VAL A 326 -12.77 -6.23 24.81
C VAL A 326 -12.10 -5.48 25.98
N TYR A 327 -12.79 -5.46 27.12
CA TYR A 327 -12.30 -4.79 28.32
C TYR A 327 -10.83 -5.08 28.59
N SER A 328 -10.13 -4.09 29.13
CA SER A 328 -8.71 -4.25 29.45
C SER A 328 -8.37 -3.49 30.69
N ASP A 329 -8.57 -4.11 31.85
CA ASP A 329 -8.29 -3.46 33.13
C ASP A 329 -6.83 -3.05 33.33
N GLU A 330 -6.54 -1.78 33.03
CA GLU A 330 -5.20 -1.25 33.20
C GLU A 330 -5.00 -0.90 34.66
N GLU A 331 -3.83 -1.23 35.19
CA GLU A 331 -3.56 -0.94 36.58
C GLU A 331 -3.83 0.54 36.90
N GLY A 332 -4.42 0.79 38.06
CA GLY A 332 -4.70 2.15 38.46
C GLY A 332 -6.17 2.49 38.38
N THR A 333 -6.82 2.04 37.33
CA THR A 333 -8.24 2.31 37.14
C THR A 333 -9.10 1.84 38.30
N VAL A 334 -10.33 2.30 38.37
CA VAL A 334 -11.25 1.89 39.40
C VAL A 334 -11.85 0.54 39.01
N ALA A 335 -11.88 0.26 37.70
CA ALA A 335 -12.43 -0.99 37.18
C ALA A 335 -11.45 -2.11 37.45
N PHE A 336 -10.18 -1.77 37.56
CA PHE A 336 -9.18 -2.78 37.85
C PHE A 336 -9.52 -3.41 39.22
N ASN A 337 -9.95 -2.56 40.16
CA ASN A 337 -10.33 -2.97 41.51
C ASN A 337 -11.76 -3.45 41.58
N LEU A 338 -12.42 -3.48 40.43
CA LEU A 338 -13.78 -3.96 40.38
C LEU A 338 -13.73 -5.47 40.66
N LYS A 339 -14.82 -6.00 41.21
CA LYS A 339 -14.87 -7.41 41.57
C LYS A 339 -15.40 -8.33 40.51
N GLU A 340 -14.77 -9.48 40.43
CA GLU A 340 -15.13 -10.51 39.49
C GLU A 340 -15.24 -10.05 38.06
N LYS A 341 -14.11 -10.14 37.36
CA LYS A 341 -14.03 -9.75 35.96
C LYS A 341 -14.78 -10.74 35.10
N VAL A 342 -14.16 -11.13 33.99
CA VAL A 342 -14.71 -12.09 33.03
C VAL A 342 -13.58 -12.59 32.13
N ASP A 343 -13.58 -13.91 31.88
CA ASP A 343 -12.56 -14.53 31.04
C ASP A 343 -12.44 -13.78 29.74
N PRO A 344 -11.21 -13.41 29.41
CA PRO A 344 -10.96 -12.68 28.18
C PRO A 344 -11.46 -13.47 26.97
N GLU A 345 -11.52 -14.78 27.11
CA GLU A 345 -11.97 -15.60 26.00
C GLU A 345 -13.48 -15.50 25.88
N MET A 346 -14.16 -15.21 26.98
CA MET A 346 -15.61 -15.08 26.97
C MET A 346 -16.07 -13.68 26.58
N ALA A 347 -15.13 -12.75 26.60
CA ALA A 347 -15.42 -11.36 26.25
C ALA A 347 -15.21 -11.22 24.77
N LYS A 348 -14.25 -11.98 24.28
CA LYS A 348 -13.90 -11.98 22.89
C LYS A 348 -15.05 -12.64 22.14
N ARG A 349 -15.71 -13.60 22.78
CA ARG A 349 -16.83 -14.32 22.20
C ARG A 349 -17.99 -13.38 21.98
N ARG A 350 -18.14 -12.43 22.90
CA ARG A 350 -19.19 -11.42 22.84
C ARG A 350 -18.87 -10.28 21.87
N GLN A 351 -17.60 -9.86 21.83
CA GLN A 351 -17.17 -8.81 20.92
C GLN A 351 -17.40 -9.21 19.47
N GLU A 352 -17.29 -10.50 19.18
CA GLU A 352 -17.49 -11.01 17.82
C GLU A 352 -18.96 -11.25 17.51
N GLU A 353 -19.73 -11.58 18.53
CA GLU A 353 -21.15 -11.79 18.35
C GLU A 353 -21.89 -10.45 18.18
N LEU A 354 -21.41 -9.43 18.88
CA LEU A 354 -22.02 -8.10 18.81
C LEU A 354 -21.58 -7.45 17.51
N LEU A 355 -20.36 -7.77 17.08
CA LEU A 355 -19.80 -7.21 15.87
C LEU A 355 -20.54 -7.72 14.66
N LEU A 356 -21.01 -8.96 14.75
CA LEU A 356 -21.74 -9.63 13.67
C LEU A 356 -23.15 -9.07 13.54
N LEU A 357 -23.76 -8.79 14.68
CA LEU A 357 -25.11 -8.25 14.71
C LEU A 357 -25.18 -6.81 14.18
N GLN A 358 -24.31 -5.93 14.68
CA GLN A 358 -24.32 -4.54 14.25
C GLN A 358 -23.91 -4.45 12.81
N ALA A 359 -23.18 -5.45 12.34
CA ALA A 359 -22.73 -5.46 10.95
C ALA A 359 -23.92 -5.40 10.02
N GLU A 360 -25.00 -6.09 10.39
CA GLU A 360 -26.23 -6.12 9.60
C GLU A 360 -26.95 -4.80 9.60
N ILE A 361 -27.02 -4.17 10.78
CA ILE A 361 -27.67 -2.87 10.96
C ILE A 361 -26.99 -1.78 10.12
N SER A 362 -25.65 -1.83 10.07
CA SER A 362 -24.85 -0.89 9.32
C SER A 362 -25.24 -0.91 7.86
N ASN A 363 -25.37 -2.12 7.31
CA ASN A 363 -25.75 -2.25 5.92
C ASN A 363 -27.06 -1.59 5.68
N SER A 364 -28.03 -1.93 6.53
CA SER A 364 -29.38 -1.38 6.44
C SER A 364 -29.39 0.13 6.48
N ARG A 365 -28.43 0.71 7.18
CA ARG A 365 -28.36 2.15 7.30
C ARG A 365 -27.73 2.75 6.07
N LEU A 366 -26.77 2.04 5.47
CA LEU A 366 -26.11 2.56 4.29
C LEU A 366 -26.99 2.30 3.09
N ASP A 367 -28.09 1.60 3.33
CA ASP A 367 -29.04 1.26 2.29
C ASP A 367 -30.02 2.40 2.05
N ARG A 368 -30.24 3.21 3.09
CA ARG A 368 -31.16 4.32 3.04
C ARG A 368 -30.51 5.59 2.50
N PHE A 369 -29.27 5.45 2.07
CA PHE A 369 -28.52 6.57 1.48
C PHE A 369 -28.45 6.41 -0.04
N VAL A 370 -28.89 5.25 -0.51
CA VAL A 370 -28.92 4.93 -1.92
C VAL A 370 -29.92 5.82 -2.63
N GLY A 371 -29.46 6.38 -3.75
CA GLY A 371 -30.28 7.24 -4.56
C GLY A 371 -30.53 8.58 -3.94
N LYS A 372 -29.59 9.07 -3.14
CA LYS A 372 -29.73 10.37 -2.48
C LYS A 372 -28.48 11.24 -2.61
N LYS A 373 -28.71 12.53 -2.82
CA LYS A 373 -27.62 13.48 -2.97
C LYS A 373 -26.90 13.79 -1.68
N LEU A 374 -25.64 13.37 -1.59
CA LEU A 374 -24.81 13.62 -0.39
C LEU A 374 -23.58 14.43 -0.77
N LYS A 375 -23.30 15.48 0.00
CA LYS A 375 -22.13 16.30 -0.27
C LYS A 375 -20.88 15.38 -0.29
N PHE A 376 -19.99 15.62 -1.25
CA PHE A 376 -18.81 14.79 -1.43
C PHE A 376 -17.54 15.62 -1.41
N LEU A 377 -16.51 15.10 -0.76
CA LEU A 377 -15.21 15.78 -0.70
C LEU A 377 -14.14 14.96 -1.42
N VAL A 378 -13.75 15.38 -2.62
CA VAL A 378 -12.74 14.65 -3.40
C VAL A 378 -11.43 14.58 -2.64
N GLU A 379 -10.78 13.41 -2.67
CA GLU A 379 -9.50 13.21 -1.99
C GLU A 379 -8.43 12.56 -2.89
N GLY A 380 -8.77 12.24 -4.13
CA GLY A 380 -7.80 11.63 -5.02
C GLY A 380 -8.43 11.19 -6.33
N LYS A 381 -7.62 11.06 -7.38
CA LYS A 381 -8.13 10.65 -8.68
C LYS A 381 -7.39 9.41 -9.16
N GLU A 382 -8.13 8.31 -9.29
CA GLU A 382 -7.58 7.04 -9.77
C GLU A 382 -8.08 6.77 -11.18
N GLY A 383 -7.70 7.64 -12.11
CA GLY A 383 -8.12 7.51 -13.49
C GLY A 383 -9.40 8.32 -13.66
N LYS A 384 -10.46 7.69 -14.17
CA LYS A 384 -11.73 8.39 -14.35
C LYS A 384 -12.54 8.25 -13.06
N PHE A 385 -11.99 7.48 -12.11
CA PHE A 385 -12.60 7.26 -10.80
C PHE A 385 -12.13 8.31 -9.81
N LEU A 386 -12.92 8.54 -8.76
CA LEU A 386 -12.62 9.54 -7.72
C LEU A 386 -12.77 8.95 -6.33
N VAL A 387 -11.78 9.23 -5.49
CA VAL A 387 -11.77 8.75 -4.11
C VAL A 387 -12.14 9.90 -3.22
N GLY A 388 -12.73 9.60 -2.07
CA GLY A 388 -13.13 10.63 -1.14
C GLY A 388 -14.19 10.14 -0.18
N ARG A 389 -14.81 11.09 0.51
CA ARG A 389 -15.83 10.75 1.48
C ARG A 389 -16.98 11.76 1.49
N THR A 390 -18.09 11.33 2.09
CA THR A 390 -19.26 12.18 2.24
C THR A 390 -19.27 12.63 3.69
N TRP A 391 -20.06 13.65 3.99
CA TRP A 391 -20.10 14.16 5.35
C TRP A 391 -20.41 13.07 6.37
N THR A 392 -20.97 11.96 5.91
CA THR A 392 -21.32 10.89 6.82
C THR A 392 -20.06 10.18 7.28
N GLU A 393 -19.26 9.75 6.34
CA GLU A 393 -18.01 9.04 6.64
C GLU A 393 -16.98 9.96 7.30
N ALA A 394 -16.19 9.40 8.20
CA ALA A 394 -15.15 10.18 8.88
C ALA A 394 -13.76 9.77 8.39
N PRO A 395 -12.79 10.67 8.47
CA PRO A 395 -11.40 10.43 8.04
C PRO A 395 -10.75 9.17 8.58
N GLU A 396 -10.34 8.29 7.66
CA GLU A 396 -9.70 7.00 7.97
C GLU A 396 -10.16 6.38 9.30
N VAL A 397 -11.44 6.05 9.40
CA VAL A 397 -12.03 5.44 10.61
C VAL A 397 -13.33 4.72 10.21
N ASP A 398 -14.06 5.36 9.31
CA ASP A 398 -15.31 4.81 8.83
C ASP A 398 -15.07 4.15 7.50
N GLY A 399 -15.60 4.75 6.45
CA GLY A 399 -15.43 4.17 5.13
C GLY A 399 -15.04 5.17 4.08
N VAL A 400 -15.10 4.77 2.82
CA VAL A 400 -14.75 5.67 1.72
C VAL A 400 -15.82 5.67 0.64
N VAL A 401 -15.71 6.59 -0.31
CA VAL A 401 -16.71 6.67 -1.37
C VAL A 401 -16.10 6.92 -2.73
N PHE A 402 -16.37 6.02 -3.68
CA PHE A 402 -15.85 6.12 -5.04
C PHE A 402 -16.92 6.65 -5.98
N VAL A 403 -16.57 7.61 -6.83
CA VAL A 403 -17.54 8.15 -7.78
C VAL A 403 -16.97 8.39 -9.17
N ARG A 404 -17.75 8.07 -10.19
CA ARG A 404 -17.29 8.28 -11.56
C ARG A 404 -17.47 9.77 -11.94
N GLY A 405 -16.35 10.47 -12.10
CA GLY A 405 -16.40 11.88 -12.44
C GLY A 405 -15.03 12.53 -12.58
N LYS A 406 -15.02 13.85 -12.54
CA LYS A 406 -13.79 14.60 -12.64
C LYS A 406 -13.76 15.68 -11.54
N GLY A 407 -12.56 16.08 -11.15
CA GLY A 407 -12.41 17.08 -10.10
C GLY A 407 -11.04 16.99 -9.45
N LYS A 408 -10.73 17.89 -8.53
CA LYS A 408 -9.43 17.85 -7.88
C LYS A 408 -9.56 17.65 -6.40
N ILE A 409 -8.47 17.25 -5.77
CA ILE A 409 -8.44 17.01 -4.33
C ILE A 409 -8.81 18.26 -3.56
N GLY A 410 -9.87 18.14 -2.76
CA GLY A 410 -10.33 19.27 -1.96
C GLY A 410 -11.60 19.90 -2.50
N ASP A 411 -12.20 19.25 -3.49
CA ASP A 411 -13.41 19.78 -4.07
C ASP A 411 -14.65 19.36 -3.33
N PHE A 412 -15.78 19.98 -3.67
CA PHE A 412 -17.04 19.64 -3.02
C PHE A 412 -18.10 19.38 -4.08
N LEU A 413 -18.23 18.12 -4.46
CA LEU A 413 -19.18 17.71 -5.48
C LEU A 413 -20.40 17.09 -4.82
N GLU A 414 -21.54 17.15 -5.50
CA GLU A 414 -22.78 16.57 -4.99
C GLU A 414 -23.04 15.23 -5.68
N VAL A 415 -22.50 14.15 -5.12
CA VAL A 415 -22.65 12.82 -5.70
C VAL A 415 -23.89 12.13 -5.19
N VAL A 416 -24.27 11.06 -5.86
CA VAL A 416 -25.44 10.33 -5.43
C VAL A 416 -25.11 8.85 -5.36
N ILE A 417 -25.27 8.25 -4.18
CA ILE A 417 -24.95 6.83 -3.96
C ILE A 417 -25.81 5.91 -4.82
N LYS A 418 -25.19 4.87 -5.40
CA LYS A 418 -25.84 3.85 -6.25
C LYS A 418 -26.07 2.56 -5.47
N GLU A 419 -24.97 1.97 -4.99
CA GLU A 419 -25.04 0.78 -4.17
C GLU A 419 -23.91 0.82 -3.13
N HIS A 420 -23.86 -0.21 -2.26
CA HIS A 420 -22.84 -0.27 -1.21
C HIS A 420 -22.58 -1.71 -0.78
N ASP A 421 -21.86 -1.85 0.33
CA ASP A 421 -21.50 -3.13 0.94
C ASP A 421 -20.03 -3.03 1.34
N GLU A 422 -19.66 -3.69 2.44
CA GLU A 422 -18.27 -3.65 2.91
C GLU A 422 -18.04 -2.28 3.55
N TYR A 423 -19.13 -1.58 3.83
CA TYR A 423 -19.07 -0.26 4.43
C TYR A 423 -18.50 0.78 3.47
N ASP A 424 -18.77 0.61 2.18
CA ASP A 424 -18.30 1.55 1.16
C ASP A 424 -19.42 1.81 0.18
N MET A 425 -19.56 3.07 -0.24
CA MET A 425 -20.62 3.44 -1.18
C MET A 425 -20.05 3.80 -2.55
N TRP A 426 -20.84 3.57 -3.59
CA TRP A 426 -20.41 3.87 -4.93
C TRP A 426 -21.49 4.76 -5.57
N GLY A 427 -21.07 5.84 -6.24
CA GLY A 427 -22.02 6.73 -6.89
C GLY A 427 -21.40 7.60 -7.98
N SER A 428 -22.16 8.57 -8.46
CA SER A 428 -21.70 9.46 -9.51
C SER A 428 -22.17 10.85 -9.16
N VAL A 429 -21.54 11.86 -9.77
CA VAL A 429 -21.92 13.25 -9.53
C VAL A 429 -23.01 13.78 -10.46
N ILE A 430 -23.82 14.72 -9.96
CA ILE A 430 -24.88 15.31 -10.78
C ILE A 430 -24.51 16.76 -11.03
N LEU A 431 -25.30 17.47 -11.83
CA LEU A 431 -25.03 18.88 -12.10
C LEU A 431 -23.56 19.12 -12.47
N GLU A 432 -23.22 19.18 -13.75
CA GLU A 432 -21.82 19.38 -14.10
C GLU A 432 -21.60 20.43 -15.17
N HIS A 433 -20.37 20.50 -15.69
CA HIS A 433 -19.96 21.46 -16.73
C HIS A 433 -19.03 20.82 -17.77
N VAL B 3 28.76 3.14 -3.00
CA VAL B 3 28.18 3.13 -4.38
C VAL B 3 26.71 2.71 -4.37
N GLY B 4 25.96 3.23 -5.34
CA GLY B 4 24.55 2.93 -5.43
C GLY B 4 24.26 2.44 -6.82
N ILE B 5 23.35 1.49 -6.95
CA ILE B 5 22.97 0.90 -8.24
C ILE B 5 21.57 1.30 -8.65
N LYS B 6 21.44 1.73 -9.90
CA LYS B 6 20.14 2.11 -10.41
C LYS B 6 19.63 1.02 -11.34
N VAL B 7 18.94 0.03 -10.79
CA VAL B 7 18.37 -1.05 -11.58
C VAL B 7 17.41 -0.52 -12.65
N LEU B 8 17.55 -1.06 -13.86
CA LEU B 8 16.70 -0.68 -14.99
C LEU B 8 16.85 -1.65 -16.14
N GLY B 9 15.80 -1.82 -16.93
CA GLY B 9 15.91 -2.74 -18.04
C GLY B 9 14.91 -3.87 -18.02
N CYS B 10 15.00 -4.75 -17.02
CA CYS B 10 14.05 -5.85 -16.94
C CYS B 10 14.41 -6.70 -15.75
N PRO B 11 13.55 -7.66 -15.37
CA PRO B 11 13.82 -8.54 -14.22
C PRO B 11 15.20 -9.15 -14.22
N LYS B 12 15.62 -9.65 -15.36
CA LYS B 12 16.93 -10.28 -15.48
C LYS B 12 18.04 -9.30 -15.13
N ASN B 13 17.90 -8.05 -15.56
CA ASN B 13 18.90 -7.03 -15.27
C ASN B 13 18.75 -6.53 -13.84
N GLU B 14 17.56 -6.64 -13.28
CA GLU B 14 17.32 -6.19 -11.91
C GLU B 14 17.73 -7.31 -10.98
N ALA B 15 18.14 -8.42 -11.55
CA ALA B 15 18.58 -9.56 -10.74
C ALA B 15 20.08 -9.58 -10.71
N ASP B 16 20.69 -9.35 -11.86
CA ASP B 16 22.12 -9.37 -11.89
C ASP B 16 22.67 -8.24 -11.06
N CYS B 17 21.77 -7.43 -10.51
CA CYS B 17 22.16 -6.31 -9.66
C CYS B 17 22.04 -6.69 -8.19
N GLU B 18 20.95 -7.36 -7.86
CA GLU B 18 20.76 -7.80 -6.49
C GLU B 18 21.94 -8.70 -6.14
N VAL B 19 22.43 -9.44 -7.15
CA VAL B 19 23.55 -10.38 -7.01
C VAL B 19 24.88 -9.65 -6.94
N LEU B 20 25.05 -8.68 -7.82
CA LEU B 20 26.27 -7.90 -7.85
C LEU B 20 26.40 -7.07 -6.55
N ALA B 21 25.29 -6.47 -6.13
CA ALA B 21 25.28 -5.66 -4.93
C ALA B 21 25.84 -6.47 -3.76
N GLY B 22 25.57 -7.77 -3.74
CA GLY B 22 26.08 -8.59 -2.66
C GLY B 22 27.59 -8.77 -2.71
N VAL B 23 28.12 -8.95 -3.92
CA VAL B 23 29.57 -9.13 -4.12
C VAL B 23 30.38 -7.92 -3.66
N LEU B 24 29.80 -6.74 -3.84
CA LEU B 24 30.44 -5.49 -3.45
C LEU B 24 30.37 -5.26 -1.94
N ARG B 25 30.22 -6.34 -1.18
CA ARG B 25 30.18 -6.25 0.28
C ARG B 25 31.62 -6.36 0.79
N GLU B 26 32.52 -6.78 -0.09
CA GLU B 26 33.95 -6.93 0.21
C GLU B 26 34.75 -5.74 -0.37
N GLY B 27 34.83 -5.67 -1.70
CA GLY B 27 35.54 -4.59 -2.35
C GLY B 27 34.80 -3.26 -2.35
N GLY B 28 33.52 -3.29 -1.99
CA GLY B 28 32.72 -2.08 -1.94
C GLY B 28 32.60 -1.56 -0.53
N HIS B 29 32.71 -2.47 0.45
CA HIS B 29 32.62 -2.13 1.87
C HIS B 29 31.24 -1.62 2.28
N GLU B 30 30.53 -0.98 1.36
CA GLU B 30 29.22 -0.40 1.68
C GLU B 30 28.44 0.07 0.47
N ILE B 31 27.13 -0.20 0.50
CA ILE B 31 26.23 0.18 -0.59
C ILE B 31 25.30 1.30 -0.17
N VAL B 32 25.45 2.46 -0.79
CA VAL B 32 24.59 3.60 -0.46
C VAL B 32 23.18 3.29 -0.98
N PHE B 33 22.18 3.69 -0.20
CA PHE B 33 20.79 3.45 -0.57
C PHE B 33 20.41 4.25 -1.82
N ASP B 34 21.39 4.46 -2.69
CA ASP B 34 21.23 5.22 -3.94
C ASP B 34 20.53 6.55 -3.65
N VAL B 35 20.74 7.08 -2.44
CA VAL B 35 20.14 8.34 -2.01
C VAL B 35 20.89 9.52 -2.61
N LYS B 36 21.50 9.28 -3.77
CA LYS B 36 22.25 10.31 -4.49
C LYS B 36 23.53 10.74 -3.76
N ASP B 37 23.71 10.27 -2.53
CA ASP B 37 24.90 10.63 -1.76
C ASP B 37 25.94 9.53 -1.80
N ALA B 38 26.09 8.90 -2.97
CA ALA B 38 27.06 7.83 -3.15
C ALA B 38 28.42 8.35 -3.51
N ASP B 39 29.39 7.44 -3.58
CA ASP B 39 30.74 7.78 -3.95
C ASP B 39 30.83 7.57 -5.45
N VAL B 40 30.38 6.40 -5.87
CA VAL B 40 30.38 6.01 -7.28
C VAL B 40 28.97 5.53 -7.61
N VAL B 41 28.62 5.53 -8.90
CA VAL B 41 27.29 5.10 -9.33
C VAL B 41 27.32 4.05 -10.45
N VAL B 42 26.39 3.10 -10.35
CA VAL B 42 26.23 2.04 -11.33
C VAL B 42 24.83 2.10 -11.93
N LEU B 43 24.76 2.43 -13.21
CA LEU B 43 23.48 2.54 -13.88
C LEU B 43 23.26 1.36 -14.82
N ASP B 44 22.32 0.49 -14.48
CA ASP B 44 22.03 -0.67 -15.31
C ASP B 44 21.14 -0.21 -16.46
N THR B 45 21.44 -0.70 -17.65
CA THR B 45 20.69 -0.29 -18.84
C THR B 45 20.07 -1.41 -19.69
N CYS B 46 19.01 -1.04 -20.43
CA CYS B 46 18.32 -1.97 -21.32
C CYS B 46 18.67 -1.57 -22.75
N ALA B 47 18.92 -2.56 -23.61
CA ALA B 47 19.28 -2.29 -24.99
C ALA B 47 18.18 -2.53 -25.99
N PHE B 48 17.69 -3.76 -26.05
CA PHE B 48 16.67 -4.08 -27.03
C PHE B 48 15.27 -4.27 -26.52
N ILE B 49 14.46 -3.22 -26.70
CA ILE B 49 13.07 -3.22 -26.29
C ILE B 49 12.39 -2.07 -27.03
N GLU B 50 13.15 -1.48 -27.96
CA GLU B 50 12.73 -0.35 -28.81
C GLU B 50 12.50 0.97 -28.06
N ASP B 51 12.14 0.88 -26.79
CA ASP B 51 11.87 2.06 -25.98
C ASP B 51 12.76 2.14 -24.74
N ALA B 52 12.93 1.02 -24.04
CA ALA B 52 13.76 0.97 -22.84
C ALA B 52 15.15 1.54 -23.16
N LYS B 53 15.56 1.39 -24.42
CA LYS B 53 16.85 1.88 -24.87
C LYS B 53 16.91 3.38 -24.63
N ARG B 54 15.74 4.02 -24.69
CA ARG B 54 15.63 5.47 -24.48
C ARG B 54 15.57 5.80 -23.00
N GLU B 55 14.68 5.10 -22.27
CA GLU B 55 14.57 5.35 -20.85
C GLU B 55 15.95 5.20 -20.21
N SER B 56 16.82 4.42 -20.87
CA SER B 56 18.17 4.18 -20.38
C SER B 56 19.11 5.26 -20.87
N ILE B 57 18.76 5.91 -21.98
CA ILE B 57 19.60 6.97 -22.52
C ILE B 57 19.25 8.27 -21.81
N ASP B 58 17.96 8.46 -21.51
CA ASP B 58 17.50 9.67 -20.84
C ASP B 58 17.91 9.56 -19.39
N GLU B 59 18.15 8.33 -18.97
CA GLU B 59 18.55 8.08 -17.61
C GLU B 59 20.01 8.52 -17.42
N ILE B 60 20.86 8.15 -18.37
CA ILE B 60 22.29 8.51 -18.29
C ILE B 60 22.46 10.01 -18.10
N PHE B 61 21.65 10.79 -18.81
CA PHE B 61 21.71 12.23 -18.67
C PHE B 61 21.14 12.67 -17.31
N SER B 62 20.07 12.01 -16.86
CA SER B 62 19.44 12.34 -15.57
C SER B 62 20.49 12.19 -14.47
N PHE B 63 21.61 11.57 -14.84
CA PHE B 63 22.74 11.36 -13.93
C PHE B 63 23.92 12.21 -14.39
N VAL B 64 24.19 12.19 -15.68
CA VAL B 64 25.31 12.96 -16.22
C VAL B 64 25.08 14.46 -16.03
N ASP B 65 23.85 14.91 -16.28
CA ASP B 65 23.53 16.32 -16.15
C ASP B 65 23.90 16.89 -14.79
N ALA B 66 23.64 16.11 -13.74
CA ALA B 66 23.96 16.56 -12.41
C ALA B 66 25.10 15.77 -11.76
N LYS B 67 26.22 15.62 -12.46
CA LYS B 67 27.37 14.88 -11.92
C LYS B 67 28.13 15.78 -10.93
N ASP B 68 28.39 17.01 -11.38
CA ASP B 68 29.08 18.01 -10.57
C ASP B 68 28.10 18.62 -9.57
N GLN B 69 27.38 17.74 -8.87
CA GLN B 69 26.39 18.15 -7.89
C GLN B 69 26.51 17.26 -6.66
N TYR B 70 27.06 16.06 -6.87
CA TYR B 70 27.22 15.08 -5.79
C TYR B 70 28.60 14.42 -5.86
N GLY B 71 29.26 14.57 -7.01
CA GLY B 71 30.58 13.99 -7.18
C GLY B 71 30.60 12.48 -7.08
N TYR B 72 30.30 11.81 -8.18
CA TYR B 72 30.29 10.34 -8.23
C TYR B 72 30.83 9.82 -9.55
N LYS B 73 31.51 8.68 -9.47
CA LYS B 73 32.08 8.06 -10.66
C LYS B 73 30.98 7.42 -11.51
N LEU B 74 30.44 8.17 -12.45
CA LEU B 74 29.38 7.67 -13.31
C LEU B 74 29.83 6.47 -14.14
N VAL B 75 29.09 5.36 -14.01
CA VAL B 75 29.39 4.14 -14.75
C VAL B 75 28.13 3.59 -15.41
N VAL B 76 28.17 3.47 -16.74
CA VAL B 76 27.04 2.96 -17.51
C VAL B 76 27.24 1.47 -17.76
N LYS B 77 26.45 0.65 -17.08
CA LYS B 77 26.52 -0.79 -17.19
C LYS B 77 25.21 -1.32 -17.71
N GLY B 78 25.26 -2.44 -18.44
CA GLY B 78 24.04 -3.00 -18.96
C GLY B 78 24.12 -3.36 -20.43
N CYS B 79 22.97 -3.72 -20.98
CA CYS B 79 22.87 -4.13 -22.37
C CYS B 79 23.19 -3.00 -23.35
N LEU B 80 22.57 -1.84 -23.14
CA LEU B 80 22.78 -0.70 -24.05
C LEU B 80 24.24 -0.41 -24.37
N VAL B 81 25.12 -0.69 -23.42
CA VAL B 81 26.55 -0.44 -23.60
C VAL B 81 27.25 -1.61 -24.28
N GLN B 82 26.62 -2.77 -24.27
CA GLN B 82 27.21 -3.96 -24.86
C GLN B 82 27.10 -3.91 -26.38
N ARG B 83 26.11 -3.20 -26.89
CA ARG B 83 25.98 -3.13 -28.32
C ARG B 83 26.01 -1.68 -28.82
N TYR B 84 26.40 -0.76 -27.95
CA TYR B 84 26.50 0.67 -28.32
C TYR B 84 27.68 1.32 -27.62
N TYR B 85 28.79 0.60 -27.55
CA TYR B 85 30.01 1.10 -26.92
C TYR B 85 30.69 2.14 -27.80
N GLU B 86 30.74 1.86 -29.09
CA GLU B 86 31.34 2.77 -30.06
C GLU B 86 30.62 4.13 -30.08
N GLU B 87 29.30 4.08 -30.30
CA GLU B 87 28.49 5.28 -30.36
C GLU B 87 28.31 6.02 -29.03
N LEU B 88 28.06 5.28 -27.95
CA LEU B 88 27.86 5.90 -26.64
C LEU B 88 29.09 6.61 -26.11
N LYS B 89 30.21 5.90 -26.04
CA LYS B 89 31.45 6.48 -25.52
C LYS B 89 31.93 7.66 -26.40
N LYS B 90 31.48 7.69 -27.64
CA LYS B 90 31.84 8.75 -28.57
C LYS B 90 30.97 9.99 -28.34
N GLU B 91 29.83 9.81 -27.68
CA GLU B 91 28.91 10.92 -27.41
C GLU B 91 28.96 11.41 -25.96
N ILE B 92 29.04 10.45 -25.03
CA ILE B 92 29.09 10.77 -23.61
C ILE B 92 30.37 10.25 -22.94
N PRO B 93 31.51 10.87 -23.27
CA PRO B 93 32.81 10.49 -22.71
C PRO B 93 33.02 10.96 -21.27
N GLU B 94 32.15 11.85 -20.81
CA GLU B 94 32.24 12.39 -19.45
C GLU B 94 32.14 11.28 -18.41
N VAL B 95 31.51 10.17 -18.76
CA VAL B 95 31.39 9.05 -17.83
C VAL B 95 32.81 8.56 -17.54
N ASP B 96 32.96 7.68 -16.56
CA ASP B 96 34.28 7.17 -16.21
C ASP B 96 34.50 5.72 -16.61
N GLN B 97 33.46 4.89 -16.50
CA GLN B 97 33.63 3.50 -16.86
C GLN B 97 32.51 3.00 -17.73
N TRP B 98 32.74 1.85 -18.37
CA TRP B 98 31.75 1.23 -19.25
C TRP B 98 31.81 -0.29 -19.08
N ILE B 99 30.65 -0.91 -19.02
CA ILE B 99 30.59 -2.36 -18.87
C ILE B 99 29.22 -2.92 -19.31
N GLY B 100 29.22 -4.18 -19.75
CA GLY B 100 27.99 -4.84 -20.17
C GLY B 100 27.63 -6.14 -19.46
N VAL B 101 28.24 -7.26 -19.88
CA VAL B 101 27.99 -8.60 -19.32
C VAL B 101 28.95 -9.05 -18.21
N ALA B 102 28.96 -10.35 -17.90
CA ALA B 102 29.81 -10.89 -16.84
C ALA B 102 29.38 -10.40 -15.47
N ASP B 103 29.91 -11.01 -14.41
CA ASP B 103 29.56 -10.61 -13.05
C ASP B 103 30.79 -10.55 -12.12
N PRO B 104 31.63 -11.59 -12.13
CA PRO B 104 32.82 -11.60 -11.27
C PRO B 104 33.88 -10.59 -11.75
N GLU B 105 33.44 -9.46 -12.31
CA GLU B 105 34.35 -8.43 -12.80
C GLU B 105 34.26 -7.14 -12.01
N GLU B 106 33.05 -6.68 -11.78
CA GLU B 106 32.88 -5.45 -11.03
C GLU B 106 33.55 -5.52 -9.66
N ILE B 107 33.87 -6.74 -9.23
CA ILE B 107 34.51 -6.98 -7.93
C ILE B 107 35.98 -6.48 -7.94
N ALA B 108 36.65 -6.73 -9.05
CA ALA B 108 38.03 -6.33 -9.17
C ALA B 108 38.18 -5.45 -10.41
N ASN B 109 37.15 -4.69 -10.75
CA ASN B 109 37.17 -3.81 -11.92
C ASN B 109 36.47 -2.50 -11.64
N ALA B 110 35.27 -2.59 -11.07
CA ALA B 110 34.50 -1.39 -10.76
C ALA B 110 35.20 -0.66 -9.63
N ILE B 111 36.44 -1.05 -9.34
CA ILE B 111 37.22 -0.42 -8.27
C ILE B 111 38.32 0.47 -8.86
N GLU B 112 38.03 1.13 -9.98
CA GLU B 112 38.99 2.02 -10.66
C GLU B 112 38.33 2.87 -11.75
N THR B 115 39.06 2.03 -16.94
CA THR B 115 38.97 0.58 -17.05
C THR B 115 37.61 0.11 -17.60
N ASP B 116 37.51 0.06 -18.93
CA ASP B 116 36.28 -0.36 -19.58
C ASP B 116 36.46 -1.79 -20.12
N LEU B 117 35.34 -2.49 -20.35
CA LEU B 117 35.38 -3.87 -20.86
C LEU B 117 34.05 -4.36 -21.43
N VAL B 118 34.15 -5.08 -22.55
CA VAL B 118 33.00 -5.65 -23.27
C VAL B 118 33.49 -6.69 -24.29
N PRO B 119 34.08 -7.81 -23.82
CA PRO B 119 34.60 -8.88 -24.68
C PRO B 119 33.54 -9.57 -25.53
N ASP B 120 32.78 -10.45 -24.88
CA ASP B 120 31.72 -11.18 -25.55
C ASP B 120 30.42 -11.15 -24.73
N ARG B 127 27.26 -20.22 -9.10
CA ARG B 127 28.02 -18.99 -8.86
C ARG B 127 27.33 -18.04 -7.90
N TYR B 128 26.41 -18.56 -7.08
CA TYR B 128 25.69 -17.73 -6.11
C TYR B 128 26.42 -17.68 -4.78
N ARG B 129 26.71 -16.46 -4.31
CA ARG B 129 27.41 -16.30 -3.04
C ARG B 129 26.52 -15.57 -2.05
N LYS B 130 25.91 -14.48 -2.53
CA LYS B 130 25.01 -13.68 -1.72
C LYS B 130 24.51 -12.44 -2.47
N ARG B 131 23.37 -11.90 -2.01
CA ARG B 131 22.76 -10.71 -2.60
C ARG B 131 22.15 -9.82 -1.50
N ILE B 132 21.58 -8.68 -1.90
CA ILE B 132 20.99 -7.77 -0.94
C ILE B 132 19.80 -7.05 -1.56
N ASP B 133 18.75 -6.85 -0.77
CA ASP B 133 17.54 -6.19 -1.23
C ASP B 133 17.76 -4.71 -1.57
N LEU B 134 18.03 -4.44 -2.84
CA LEU B 134 18.22 -3.08 -3.31
C LEU B 134 16.81 -2.50 -3.49
N GLU B 135 15.83 -3.30 -3.09
CA GLU B 135 14.43 -2.93 -3.17
C GLU B 135 13.70 -3.64 -2.02
N GLU B 136 12.80 -2.93 -1.34
CA GLU B 136 12.07 -3.52 -0.21
C GLU B 136 10.82 -4.21 -0.73
N ARG B 137 10.99 -5.43 -1.19
CA ARG B 137 9.87 -6.19 -1.73
C ARG B 137 9.96 -7.62 -1.20
N PRO B 138 8.81 -8.23 -0.91
CA PRO B 138 8.73 -9.59 -0.38
C PRO B 138 9.08 -10.63 -1.42
N TYR B 139 9.21 -10.20 -2.67
CA TYR B 139 9.58 -11.09 -3.76
C TYR B 139 11.02 -10.85 -4.20
N ALA B 140 11.52 -11.73 -5.07
CA ALA B 140 12.88 -11.61 -5.56
C ALA B 140 13.07 -12.44 -6.84
N TYR B 141 13.65 -11.83 -7.86
CA TYR B 141 13.89 -12.52 -9.11
C TYR B 141 15.13 -13.37 -8.97
N VAL B 142 15.19 -14.47 -9.69
CA VAL B 142 16.34 -15.38 -9.65
C VAL B 142 16.68 -15.79 -11.07
N LYS B 143 17.83 -15.32 -11.56
CA LYS B 143 18.22 -15.67 -12.92
C LYS B 143 18.79 -17.07 -12.96
N ILE B 144 18.20 -17.93 -13.78
CA ILE B 144 18.67 -19.29 -13.87
C ILE B 144 19.46 -19.54 -15.14
N SER B 145 19.42 -18.58 -16.05
CA SER B 145 20.14 -18.72 -17.30
C SER B 145 20.07 -17.45 -18.10
N ASP B 146 21.15 -17.09 -18.79
CA ASP B 146 21.18 -15.89 -19.63
C ASP B 146 21.50 -16.31 -21.06
N GLY B 147 21.10 -15.50 -22.02
CA GLY B 147 21.34 -15.85 -23.42
C GLY B 147 20.15 -16.59 -23.98
N CYS B 148 20.26 -17.10 -25.21
CA CYS B 148 19.13 -17.80 -25.84
C CYS B 148 19.52 -18.30 -27.23
N ASP B 149 19.33 -19.58 -27.49
CA ASP B 149 19.68 -20.10 -28.80
C ASP B 149 18.43 -20.42 -29.61
N ARG B 150 17.36 -19.65 -29.39
CA ARG B 150 16.10 -19.90 -30.07
C ARG B 150 16.01 -19.09 -31.32
N GLY B 151 15.36 -19.64 -32.33
CA GLY B 151 15.26 -18.94 -33.60
C GLY B 151 14.20 -17.89 -33.59
N CYS B 152 14.59 -16.65 -33.33
CA CYS B 152 13.61 -15.56 -33.31
C CYS B 152 14.12 -14.49 -34.24
N THR B 153 13.48 -14.40 -35.40
CA THR B 153 13.88 -13.46 -36.46
C THR B 153 13.99 -11.99 -36.06
N PHE B 154 13.24 -11.59 -35.06
CA PHE B 154 13.29 -10.20 -34.65
C PHE B 154 14.30 -9.94 -33.54
N CYS B 155 14.42 -10.89 -32.61
CA CYS B 155 15.33 -10.75 -31.49
C CYS B 155 16.79 -10.68 -31.94
N SER B 156 17.56 -9.81 -31.30
CA SER B 156 18.97 -9.65 -31.63
C SER B 156 19.87 -10.12 -30.48
N ILE B 157 19.27 -10.78 -29.51
CA ILE B 157 20.02 -11.29 -28.37
C ILE B 157 20.89 -12.51 -28.73
N PRO B 158 20.49 -13.31 -29.73
CA PRO B 158 21.28 -14.49 -30.12
C PRO B 158 22.76 -14.23 -30.40
N SER B 159 23.16 -12.96 -30.40
CA SER B 159 24.53 -12.58 -30.65
C SER B 159 24.83 -11.24 -29.97
N PHE B 160 24.10 -10.98 -28.89
CA PHE B 160 24.25 -9.74 -28.13
C PHE B 160 24.46 -10.01 -26.65
N LYS B 161 23.82 -11.04 -26.12
CA LYS B 161 23.99 -11.37 -24.71
C LYS B 161 24.61 -12.74 -24.56
N GLY B 162 25.30 -13.18 -25.60
CA GLY B 162 25.97 -14.47 -25.57
C GLY B 162 25.07 -15.63 -25.93
N SER B 163 25.59 -16.85 -25.80
CA SER B 163 24.82 -18.05 -26.12
C SER B 163 24.04 -18.53 -24.87
N LEU B 164 23.50 -19.75 -24.91
CA LEU B 164 22.74 -20.28 -23.79
C LEU B 164 23.67 -20.81 -22.70
N ARG B 165 23.65 -20.15 -21.54
CA ARG B 165 24.47 -20.53 -20.39
C ARG B 165 23.61 -20.54 -19.14
N SER B 166 23.16 -21.71 -18.74
CA SER B 166 22.30 -21.82 -17.57
C SER B 166 23.08 -22.23 -16.33
N ARG B 167 22.59 -21.84 -15.16
CA ARG B 167 23.22 -22.20 -13.88
C ARG B 167 22.83 -23.64 -13.50
N SER B 168 23.42 -24.16 -12.43
CA SER B 168 23.12 -25.53 -12.03
C SER B 168 21.98 -25.55 -11.03
N ILE B 169 21.28 -26.67 -10.95
CA ILE B 169 20.18 -26.82 -10.00
C ILE B 169 20.59 -26.41 -8.57
N GLU B 170 21.61 -27.05 -8.03
CA GLU B 170 22.07 -26.70 -6.71
C GLU B 170 22.36 -25.19 -6.59
N ASP B 171 23.08 -24.64 -7.55
CA ASP B 171 23.43 -23.24 -7.53
C ASP B 171 22.17 -22.41 -7.34
N ILE B 172 21.23 -22.56 -8.26
CA ILE B 172 19.97 -21.84 -8.20
C ILE B 172 19.26 -22.16 -6.90
N THR B 173 19.39 -23.40 -6.46
CA THR B 173 18.80 -23.86 -5.20
C THR B 173 19.40 -23.07 -4.02
N ARG B 174 20.74 -23.09 -3.91
CA ARG B 174 21.41 -22.42 -2.82
C ARG B 174 20.90 -20.99 -2.69
N GLU B 175 20.85 -20.28 -3.81
CA GLU B 175 20.38 -18.90 -3.82
C GLU B 175 18.96 -18.81 -3.29
N VAL B 176 18.06 -19.57 -3.88
CA VAL B 176 16.68 -19.57 -3.47
C VAL B 176 16.60 -19.89 -1.98
N GLU B 177 17.43 -20.84 -1.55
CA GLU B 177 17.42 -21.26 -0.15
C GLU B 177 17.65 -20.08 0.78
N ASP B 178 18.78 -19.42 0.60
CA ASP B 178 19.14 -18.30 1.45
C ASP B 178 18.16 -17.16 1.38
N LEU B 179 17.53 -16.99 0.22
CA LEU B 179 16.58 -15.91 0.05
C LEU B 179 15.39 -16.15 0.94
N LEU B 180 14.88 -17.36 0.94
CA LEU B 180 13.74 -17.69 1.77
C LEU B 180 14.06 -17.43 3.23
N LYS B 181 15.27 -17.82 3.61
CA LYS B 181 15.70 -17.64 4.99
C LYS B 181 15.70 -16.18 5.44
N GLU B 182 16.17 -15.27 4.59
CA GLU B 182 16.18 -13.87 5.00
C GLU B 182 14.78 -13.27 5.02
N GLY B 183 13.79 -14.07 4.64
CA GLY B 183 12.43 -13.62 4.65
C GLY B 183 11.93 -13.20 3.28
N LYS B 184 11.67 -14.17 2.42
CA LYS B 184 11.17 -13.85 1.09
C LYS B 184 10.02 -14.78 0.83
N LYS B 185 8.93 -14.26 0.32
CA LYS B 185 7.78 -15.10 0.08
C LYS B 185 7.47 -15.33 -1.39
N GLU B 186 8.20 -14.65 -2.25
CA GLU B 186 7.97 -14.78 -3.68
C GLU B 186 9.25 -14.99 -4.50
N ILE B 187 9.37 -16.16 -5.11
CA ILE B 187 10.54 -16.50 -5.93
C ILE B 187 10.19 -16.49 -7.41
N ILE B 188 10.72 -15.55 -8.17
CA ILE B 188 10.40 -15.46 -9.57
C ILE B 188 11.56 -15.85 -10.42
N LEU B 189 11.40 -16.90 -11.23
CA LEU B 189 12.46 -17.39 -12.13
C LEU B 189 12.48 -16.62 -13.43
N VAL B 190 13.58 -15.92 -13.67
CA VAL B 190 13.73 -15.12 -14.87
C VAL B 190 14.83 -15.62 -15.79
N ALA B 191 14.76 -15.18 -17.05
CA ALA B 191 15.73 -15.52 -18.10
C ALA B 191 15.24 -15.00 -19.43
N GLN B 192 15.98 -15.31 -20.47
CA GLN B 192 15.57 -14.89 -21.80
C GLN B 192 14.51 -15.88 -22.24
N ASP B 193 14.71 -17.14 -21.89
CA ASP B 193 13.78 -18.22 -22.24
C ASP B 193 13.84 -19.33 -21.19
N THR B 194 12.87 -19.32 -20.30
CA THR B 194 12.82 -20.30 -19.25
C THR B 194 12.82 -21.75 -19.74
N THR B 195 12.28 -22.00 -20.92
CA THR B 195 12.18 -23.36 -21.45
C THR B 195 13.52 -23.91 -21.97
N SER B 196 14.49 -23.04 -22.14
CA SER B 196 15.80 -23.46 -22.64
C SER B 196 16.76 -23.91 -21.54
N TYR B 197 16.35 -23.77 -20.27
CA TYR B 197 17.20 -24.16 -19.13
C TYR B 197 17.60 -25.63 -19.08
N GLY B 198 18.89 -25.86 -18.91
CA GLY B 198 19.39 -27.21 -18.81
C GLY B 198 19.99 -27.77 -20.08
N ILE B 199 19.40 -27.47 -21.23
CA ILE B 199 19.89 -27.99 -22.51
C ILE B 199 21.42 -27.91 -22.64
N ASP B 200 21.99 -26.86 -22.05
CA ASP B 200 23.43 -26.63 -22.12
C ASP B 200 24.23 -27.33 -21.00
N LEU B 201 23.56 -27.71 -19.92
CA LEU B 201 24.22 -28.34 -18.79
C LEU B 201 23.88 -29.81 -18.65
N TYR B 202 22.59 -30.10 -18.48
CA TYR B 202 22.11 -31.48 -18.30
C TYR B 202 21.66 -32.13 -19.63
N ARG B 203 22.19 -31.64 -20.74
CA ARG B 203 21.87 -32.18 -22.07
C ARG B 203 20.38 -32.50 -22.27
N LYS B 204 19.49 -31.76 -21.58
CA LYS B 204 18.03 -31.95 -21.72
C LYS B 204 17.24 -30.93 -20.91
N GLN B 205 15.96 -30.78 -21.22
CA GLN B 205 15.13 -29.81 -20.53
C GLN B 205 14.92 -30.22 -19.09
N ALA B 206 15.74 -29.63 -18.23
CA ALA B 206 15.68 -29.94 -16.82
C ALA B 206 14.84 -28.95 -16.06
N LEU B 207 14.07 -28.11 -16.75
CA LEU B 207 13.21 -27.15 -16.06
C LEU B 207 12.35 -27.86 -15.02
N PRO B 208 11.69 -28.96 -15.40
CA PRO B 208 10.87 -29.65 -14.43
C PRO B 208 11.69 -30.13 -13.26
N ASP B 209 12.88 -30.66 -13.54
CA ASP B 209 13.74 -31.14 -12.47
C ASP B 209 14.10 -30.01 -11.48
N LEU B 210 14.16 -28.78 -11.97
CA LEU B 210 14.48 -27.65 -11.11
C LEU B 210 13.28 -27.38 -10.23
N LEU B 211 12.15 -27.18 -10.88
CA LEU B 211 10.92 -26.90 -10.16
C LEU B 211 10.71 -27.92 -9.05
N ARG B 212 10.67 -29.19 -9.42
CA ARG B 212 10.48 -30.21 -8.42
C ARG B 212 11.43 -29.99 -7.27
N ARG B 213 12.65 -29.56 -7.57
CA ARG B 213 13.66 -29.34 -6.52
C ARG B 213 13.28 -28.21 -5.56
N LEU B 214 13.05 -27.02 -6.10
CA LEU B 214 12.68 -25.85 -5.33
C LEU B 214 11.36 -26.03 -4.57
N ASN B 215 10.41 -26.71 -5.20
CA ASN B 215 9.11 -27.00 -4.60
C ASN B 215 9.31 -27.87 -3.35
N SER B 216 10.51 -28.36 -3.13
CA SER B 216 10.76 -29.21 -1.98
C SER B 216 11.08 -28.40 -0.73
N LEU B 217 11.85 -27.33 -0.90
CA LEU B 217 12.24 -26.50 0.22
C LEU B 217 11.08 -26.27 1.18
N ASN B 218 11.38 -26.13 2.47
CA ASN B 218 10.36 -25.94 3.52
C ASN B 218 9.92 -24.49 3.60
N GLY B 219 8.75 -24.26 4.15
CA GLY B 219 8.25 -22.90 4.25
C GLY B 219 7.26 -22.57 3.14
N GLU B 220 6.22 -21.82 3.45
CA GLU B 220 5.20 -21.45 2.48
C GLU B 220 5.71 -20.29 1.66
N PHE B 221 5.73 -20.45 0.35
CA PHE B 221 6.19 -19.42 -0.58
C PHE B 221 5.69 -19.70 -1.99
N TRP B 222 5.74 -18.69 -2.84
CA TRP B 222 5.31 -18.81 -4.23
C TRP B 222 6.48 -18.93 -5.20
N ILE B 223 6.28 -19.74 -6.24
CA ILE B 223 7.29 -19.94 -7.27
C ILE B 223 6.65 -19.57 -8.60
N ARG B 224 7.17 -18.52 -9.24
CA ARG B 224 6.63 -18.03 -10.50
C ARG B 224 7.67 -18.22 -11.63
N VAL B 225 7.18 -18.63 -12.79
CA VAL B 225 8.04 -18.84 -13.93
C VAL B 225 7.63 -17.90 -15.05
N MET B 226 8.57 -17.19 -15.65
CA MET B 226 8.22 -16.24 -16.72
C MET B 226 9.01 -16.46 -17.98
N TYR B 227 8.65 -15.73 -19.03
CA TYR B 227 9.35 -15.85 -20.29
C TYR B 227 9.39 -17.29 -20.84
N LEU B 228 8.21 -17.84 -21.06
CA LEU B 228 8.03 -19.19 -21.59
C LEU B 228 7.83 -19.17 -23.10
N HIS B 229 8.80 -19.69 -23.85
CA HIS B 229 8.73 -19.76 -25.29
C HIS B 229 7.82 -20.93 -25.60
N PRO B 230 6.70 -20.65 -26.27
CA PRO B 230 5.67 -21.62 -26.64
C PRO B 230 6.10 -22.85 -27.39
N ASP B 231 7.07 -22.71 -28.29
CA ASP B 231 7.54 -23.84 -29.11
C ASP B 231 8.27 -24.88 -28.29
N HIS B 232 8.91 -24.46 -27.20
CA HIS B 232 9.58 -25.44 -26.37
C HIS B 232 8.93 -25.63 -25.01
N LEU B 233 7.61 -25.48 -24.95
CA LEU B 233 6.87 -25.67 -23.71
C LEU B 233 6.33 -27.10 -23.68
N THR B 234 7.22 -28.05 -23.40
CA THR B 234 6.86 -29.46 -23.34
C THR B 234 5.81 -29.77 -22.29
N GLU B 235 4.92 -30.68 -22.63
CA GLU B 235 3.88 -31.07 -21.71
C GLU B 235 4.48 -31.43 -20.37
N GLU B 236 5.75 -31.87 -20.37
CA GLU B 236 6.45 -32.27 -19.14
C GLU B 236 6.58 -31.09 -18.18
N ILE B 237 6.68 -29.90 -18.75
CA ILE B 237 6.78 -28.65 -17.97
C ILE B 237 5.39 -28.21 -17.54
N ILE B 238 4.47 -28.21 -18.49
CA ILE B 238 3.11 -27.85 -18.17
C ILE B 238 2.64 -28.72 -17.01
N SER B 239 2.71 -30.04 -17.18
CA SER B 239 2.30 -30.94 -16.13
C SER B 239 3.08 -30.71 -14.85
N ALA B 240 4.22 -30.06 -14.97
CA ALA B 240 5.04 -29.80 -13.78
C ALA B 240 4.53 -28.55 -13.08
N MET B 241 4.34 -27.48 -13.85
CA MET B 241 3.84 -26.23 -13.30
C MET B 241 2.43 -26.37 -12.79
N LEU B 242 1.77 -27.48 -13.05
CA LEU B 242 0.40 -27.63 -12.61
C LEU B 242 0.29 -28.67 -11.51
N GLU B 243 1.30 -29.51 -11.40
CA GLU B 243 1.31 -30.57 -10.41
C GLU B 243 1.83 -30.09 -9.08
N LEU B 244 2.92 -29.35 -9.10
CA LEU B 244 3.53 -28.82 -7.88
C LEU B 244 2.54 -27.89 -7.18
N ASP B 245 2.44 -28.03 -5.86
CA ASP B 245 1.50 -27.24 -5.07
C ASP B 245 2.06 -25.91 -4.58
N LYS B 246 3.18 -25.51 -5.15
CA LYS B 246 3.77 -24.25 -4.73
C LYS B 246 4.06 -23.35 -5.94
N VAL B 247 3.76 -23.85 -7.13
CA VAL B 247 4.01 -23.12 -8.39
C VAL B 247 2.75 -22.45 -8.85
N VAL B 248 2.73 -21.14 -8.72
CA VAL B 248 1.56 -20.41 -9.15
C VAL B 248 1.23 -20.68 -10.60
N LYS B 249 0.02 -21.17 -10.83
CA LYS B 249 -0.44 -21.46 -12.17
C LYS B 249 -0.50 -20.21 -13.05
N TYR B 250 0.66 -19.58 -13.23
CA TYR B 250 0.80 -18.38 -14.03
C TYR B 250 1.66 -18.72 -15.26
N PHE B 251 1.04 -18.77 -16.44
CA PHE B 251 1.76 -19.09 -17.66
C PHE B 251 2.00 -17.89 -18.57
N ASP B 252 3.22 -17.37 -18.50
CA ASP B 252 3.60 -16.23 -19.30
C ASP B 252 4.28 -16.73 -20.58
N VAL B 253 3.48 -17.03 -21.60
CA VAL B 253 4.04 -17.52 -22.85
C VAL B 253 3.77 -16.60 -24.06
N PRO B 254 4.77 -15.81 -24.46
CA PRO B 254 4.65 -14.88 -25.60
C PRO B 254 4.68 -15.58 -26.97
N VAL B 255 3.57 -15.48 -27.69
CA VAL B 255 3.46 -16.10 -29.01
C VAL B 255 3.87 -15.14 -30.12
N GLN B 256 4.02 -13.87 -29.75
CA GLN B 256 4.42 -12.81 -30.68
C GLN B 256 3.39 -12.55 -31.76
N HIS B 257 2.73 -13.60 -32.23
CA HIS B 257 1.73 -13.42 -33.28
C HIS B 257 0.86 -14.66 -33.40
N GLY B 258 -0.10 -14.67 -34.33
CA GLY B 258 -0.98 -15.81 -34.48
C GLY B 258 -1.39 -16.15 -35.90
N SER B 259 -0.45 -15.96 -36.83
CA SER B 259 -0.70 -16.24 -38.22
C SER B 259 0.29 -17.22 -38.73
N ASP B 260 -0.24 -18.32 -39.26
CA ASP B 260 0.59 -19.38 -39.80
C ASP B 260 1.64 -18.82 -40.74
N LYS B 261 1.32 -17.73 -41.42
CA LYS B 261 2.26 -17.14 -42.33
C LYS B 261 3.28 -16.25 -41.62
N ILE B 262 2.84 -15.57 -40.58
CA ILE B 262 3.72 -14.67 -39.86
C ILE B 262 4.56 -15.39 -38.83
N LEU B 263 4.06 -16.52 -38.34
CA LEU B 263 4.80 -17.26 -37.34
C LEU B 263 6.02 -17.93 -37.95
N LYS B 264 5.81 -18.67 -39.04
CA LYS B 264 6.92 -19.36 -39.71
C LYS B 264 8.00 -18.36 -40.03
N LEU B 265 7.57 -17.12 -40.28
CA LEU B 265 8.48 -16.05 -40.61
C LEU B 265 9.22 -15.58 -39.36
N MET B 266 8.53 -15.52 -38.23
CA MET B 266 9.15 -15.08 -36.98
C MET B 266 10.13 -16.12 -36.52
N GLY B 267 10.09 -17.27 -37.16
CA GLY B 267 10.99 -18.33 -36.79
C GLY B 267 10.32 -19.42 -35.99
N ARG B 268 9.15 -19.13 -35.40
CA ARG B 268 8.42 -20.11 -34.59
C ARG B 268 8.10 -21.42 -35.32
N THR B 269 8.09 -22.53 -34.56
CA THR B 269 7.80 -23.86 -35.09
C THR B 269 6.29 -24.15 -35.04
N LYS B 270 5.76 -24.27 -33.83
CA LYS B 270 4.35 -24.54 -33.62
C LYS B 270 3.53 -23.49 -34.35
N SER B 271 2.37 -23.92 -34.88
CA SER B 271 1.48 -23.05 -35.62
C SER B 271 0.34 -22.64 -34.72
N SER B 272 -0.48 -21.73 -35.23
CA SER B 272 -1.63 -21.18 -34.52
C SER B 272 -2.54 -22.29 -34.05
N GLU B 273 -2.54 -23.39 -34.79
CA GLU B 273 -3.37 -24.53 -34.45
C GLU B 273 -2.85 -25.26 -33.21
N GLU B 274 -1.61 -25.72 -33.31
CA GLU B 274 -0.99 -26.43 -32.22
C GLU B 274 -0.88 -25.54 -30.98
N LEU B 275 -0.62 -24.25 -31.17
CA LEU B 275 -0.52 -23.30 -30.06
C LEU B 275 -1.83 -23.26 -29.27
N LYS B 276 -2.93 -23.29 -30.00
CA LYS B 276 -4.23 -23.28 -29.38
C LYS B 276 -4.45 -24.60 -28.60
N LYS B 277 -4.16 -25.73 -29.25
CA LYS B 277 -4.32 -27.05 -28.65
C LYS B 277 -3.61 -27.08 -27.31
N MET B 278 -2.44 -26.47 -27.27
CA MET B 278 -1.63 -26.45 -26.04
C MET B 278 -2.20 -25.50 -25.00
N LEU B 279 -2.61 -24.32 -25.44
CA LEU B 279 -3.15 -23.33 -24.54
C LEU B 279 -4.46 -23.77 -23.90
N SER B 280 -5.44 -24.00 -24.75
CA SER B 280 -6.73 -24.43 -24.28
C SER B 280 -6.66 -25.66 -23.39
N SER B 281 -5.65 -26.47 -23.59
CA SER B 281 -5.49 -27.69 -22.80
C SER B 281 -5.18 -27.38 -21.34
N ILE B 282 -4.46 -26.27 -21.10
CA ILE B 282 -4.09 -25.86 -19.74
C ILE B 282 -5.32 -25.35 -19.03
N ARG B 283 -6.15 -24.61 -19.77
CA ARG B 283 -7.39 -24.09 -19.22
C ARG B 283 -8.38 -25.20 -18.88
N GLU B 284 -8.31 -26.33 -19.58
CA GLU B 284 -9.19 -27.47 -19.30
C GLU B 284 -8.77 -28.13 -17.98
N ARG B 285 -7.50 -28.07 -17.67
CA ARG B 285 -7.01 -28.67 -16.46
C ARG B 285 -7.09 -27.71 -15.30
N PHE B 286 -7.25 -26.43 -15.60
CA PHE B 286 -7.37 -25.44 -14.55
C PHE B 286 -7.91 -24.15 -15.17
N PRO B 287 -9.25 -24.06 -15.27
CA PRO B 287 -9.97 -22.92 -15.84
C PRO B 287 -9.55 -21.54 -15.34
N ASP B 288 -8.94 -21.46 -14.15
CA ASP B 288 -8.52 -20.18 -13.58
C ASP B 288 -7.08 -19.86 -13.92
N ALA B 289 -6.47 -20.75 -14.70
CA ALA B 289 -5.08 -20.56 -15.13
C ALA B 289 -4.89 -19.19 -15.77
N VAL B 290 -3.89 -18.45 -15.31
CA VAL B 290 -3.62 -17.13 -15.86
C VAL B 290 -2.61 -17.26 -17.02
N LEU B 291 -2.99 -16.82 -18.22
CA LEU B 291 -2.14 -16.90 -19.40
C LEU B 291 -1.77 -15.53 -19.93
N ARG B 292 -0.51 -15.11 -19.77
CA ARG B 292 -0.07 -13.79 -20.25
C ARG B 292 0.88 -13.97 -21.39
N THR B 293 0.65 -13.24 -22.48
CA THR B 293 1.47 -13.31 -23.68
C THR B 293 1.75 -11.93 -24.28
N SER B 294 2.68 -11.91 -25.24
CA SER B 294 3.08 -10.69 -25.91
C SER B 294 2.71 -10.84 -27.39
N ILE B 295 2.77 -9.72 -28.11
CA ILE B 295 2.46 -9.65 -29.52
C ILE B 295 3.29 -8.58 -30.24
N ILE B 296 3.54 -8.79 -31.53
CA ILE B 296 4.28 -7.84 -32.31
C ILE B 296 3.49 -7.56 -33.56
N VAL B 297 2.97 -6.35 -33.66
CA VAL B 297 2.22 -5.98 -34.82
C VAL B 297 3.15 -5.25 -35.79
N GLY B 298 2.80 -5.31 -37.08
CA GLY B 298 3.57 -4.66 -38.11
C GLY B 298 4.84 -5.40 -38.44
N PHE B 299 4.84 -6.70 -38.19
CA PHE B 299 6.01 -7.50 -38.48
C PHE B 299 6.17 -7.51 -40.00
N PRO B 300 7.40 -7.51 -40.51
CA PRO B 300 7.64 -7.51 -41.95
C PRO B 300 6.91 -8.66 -42.65
N GLY B 301 5.92 -8.33 -43.45
CA GLY B 301 5.15 -9.34 -44.14
C GLY B 301 3.73 -9.44 -43.61
N GLU B 302 3.41 -8.63 -42.62
CA GLU B 302 2.08 -8.63 -42.02
C GLU B 302 1.06 -7.99 -42.96
N THR B 303 -0.01 -8.70 -43.25
CA THR B 303 -1.00 -8.19 -44.17
C THR B 303 -2.36 -8.05 -43.52
N GLU B 304 -3.32 -7.62 -44.32
CA GLU B 304 -4.69 -7.46 -43.89
C GLU B 304 -5.18 -8.73 -43.18
N GLU B 305 -5.28 -9.82 -43.94
CA GLU B 305 -5.74 -11.12 -43.43
C GLU B 305 -5.00 -11.57 -42.17
N ASP B 306 -3.68 -11.42 -42.17
CA ASP B 306 -2.89 -11.80 -41.02
C ASP B 306 -3.34 -11.15 -39.72
N PHE B 307 -3.69 -9.87 -39.79
CA PHE B 307 -4.13 -9.17 -38.60
C PHE B 307 -5.49 -9.67 -38.14
N GLU B 308 -6.41 -9.83 -39.11
CA GLU B 308 -7.74 -10.34 -38.81
C GLU B 308 -7.61 -11.76 -38.24
N GLU B 309 -6.58 -12.49 -38.68
CA GLU B 309 -6.35 -13.84 -38.20
C GLU B 309 -5.95 -13.72 -36.77
N LEU B 310 -4.98 -12.84 -36.55
CA LEU B 310 -4.48 -12.60 -35.21
C LEU B 310 -5.58 -12.15 -34.26
N LYS B 311 -6.40 -11.21 -34.71
CA LYS B 311 -7.47 -10.70 -33.86
C LYS B 311 -8.40 -11.78 -33.41
N GLN B 312 -8.79 -12.63 -34.33
CA GLN B 312 -9.70 -13.71 -33.98
C GLN B 312 -9.00 -14.78 -33.16
N PHE B 313 -7.67 -14.76 -33.23
CA PHE B 313 -6.86 -15.73 -32.51
C PHE B 313 -6.90 -15.42 -31.01
N VAL B 314 -6.73 -14.14 -30.68
CA VAL B 314 -6.73 -13.70 -29.28
C VAL B 314 -8.13 -13.68 -28.70
N GLU B 315 -9.10 -13.56 -29.61
CA GLU B 315 -10.51 -13.53 -29.28
C GLU B 315 -10.99 -14.95 -28.93
N GLU B 316 -10.22 -15.95 -29.37
CA GLU B 316 -10.56 -17.37 -29.16
C GLU B 316 -9.85 -17.95 -27.95
N ILE B 317 -8.56 -17.67 -27.83
CA ILE B 317 -7.83 -18.18 -26.70
C ILE B 317 -8.25 -17.56 -25.37
N GLN B 318 -8.52 -16.26 -25.37
CA GLN B 318 -8.93 -15.54 -24.16
C GLN B 318 -7.81 -15.39 -23.16
N PHE B 319 -6.86 -14.53 -23.45
CA PHE B 319 -5.73 -14.30 -22.58
C PHE B 319 -6.07 -13.39 -21.42
N ASP B 320 -5.64 -13.74 -20.20
CA ASP B 320 -5.92 -12.88 -19.04
C ASP B 320 -5.24 -11.51 -19.21
N LYS B 321 -3.93 -11.52 -19.44
CA LYS B 321 -3.16 -10.29 -19.66
C LYS B 321 -2.42 -10.39 -20.99
N LEU B 322 -2.58 -9.39 -21.84
CA LEU B 322 -1.95 -9.39 -23.16
C LEU B 322 -1.31 -8.05 -23.46
N GLY B 323 -0.15 -8.09 -24.11
CA GLY B 323 0.57 -6.86 -24.46
C GLY B 323 1.00 -6.82 -25.90
N ALA B 324 0.67 -5.74 -26.59
CA ALA B 324 1.02 -5.61 -27.99
C ALA B 324 2.14 -4.61 -28.17
N PHE B 325 3.05 -4.87 -29.11
CA PHE B 325 4.17 -3.96 -29.37
C PHE B 325 4.39 -3.79 -30.86
N VAL B 326 4.69 -2.56 -31.28
CA VAL B 326 4.92 -2.29 -32.70
C VAL B 326 6.30 -2.78 -33.10
N TYR B 327 6.36 -3.58 -34.17
CA TYR B 327 7.62 -4.12 -34.65
C TYR B 327 8.74 -3.07 -34.73
N SER B 328 9.97 -3.49 -34.44
CA SER B 328 11.09 -2.57 -34.50
C SER B 328 12.31 -3.30 -35.03
N ASP B 329 12.50 -3.30 -36.35
CA ASP B 329 13.62 -4.00 -37.00
C ASP B 329 14.98 -3.43 -36.64
N GLU B 330 15.61 -4.05 -35.65
CA GLU B 330 16.92 -3.60 -35.20
C GLU B 330 17.96 -4.18 -36.15
N GLU B 331 18.92 -3.35 -36.51
CA GLU B 331 19.96 -3.81 -37.41
C GLU B 331 20.58 -5.13 -36.94
N GLY B 332 20.82 -6.03 -37.89
CA GLY B 332 21.43 -7.30 -37.56
C GLY B 332 20.46 -8.47 -37.64
N THR B 333 19.26 -8.27 -37.10
CA THR B 333 18.23 -9.30 -37.09
C THR B 333 17.94 -9.84 -38.50
N VAL B 334 17.25 -10.96 -38.56
CA VAL B 334 16.89 -11.57 -39.84
C VAL B 334 15.63 -10.88 -40.40
N ALA B 335 14.83 -10.34 -39.50
CA ALA B 335 13.61 -9.64 -39.86
C ALA B 335 13.98 -8.31 -40.48
N PHE B 336 15.16 -7.79 -40.13
CA PHE B 336 15.62 -6.52 -40.67
C PHE B 336 15.75 -6.73 -42.15
N ASN B 337 16.28 -7.89 -42.53
CA ASN B 337 16.47 -8.23 -43.92
C ASN B 337 15.21 -8.78 -44.55
N LEU B 338 14.15 -8.87 -43.77
CA LEU B 338 12.90 -9.37 -44.30
C LEU B 338 12.41 -8.35 -45.37
N LYS B 339 11.60 -8.83 -46.31
CA LYS B 339 11.10 -7.97 -47.39
C LYS B 339 9.75 -7.33 -47.15
N GLU B 340 9.65 -6.08 -47.57
CA GLU B 340 8.46 -5.27 -47.45
C GLU B 340 7.89 -5.20 -46.06
N LYS B 341 8.34 -4.20 -45.30
CA LYS B 341 7.88 -3.99 -43.93
C LYS B 341 6.45 -3.51 -43.93
N VAL B 342 6.20 -2.50 -43.12
CA VAL B 342 4.89 -1.90 -42.99
C VAL B 342 5.03 -0.57 -42.28
N ASP B 343 4.32 0.43 -42.79
CA ASP B 343 4.39 1.77 -42.21
C ASP B 343 4.20 1.73 -40.73
N PRO B 344 5.10 2.37 -40.00
CA PRO B 344 5.01 2.38 -38.55
C PRO B 344 3.68 2.98 -38.09
N GLU B 345 3.11 3.85 -38.93
CA GLU B 345 1.87 4.48 -38.59
C GLU B 345 0.74 3.49 -38.73
N MET B 346 0.90 2.51 -39.62
CA MET B 346 -0.14 1.51 -39.86
C MET B 346 -0.01 0.35 -38.88
N ALA B 347 1.15 0.29 -38.22
CA ALA B 347 1.40 -0.75 -37.26
C ALA B 347 0.85 -0.26 -35.95
N LYS B 348 1.00 1.05 -35.75
CA LYS B 348 0.55 1.70 -34.54
C LYS B 348 -0.97 1.64 -34.51
N ARG B 349 -1.57 1.72 -35.69
CA ARG B 349 -3.02 1.67 -35.82
C ARG B 349 -3.55 0.33 -35.36
N ARG B 350 -2.76 -0.72 -35.63
CA ARG B 350 -3.14 -2.08 -35.26
C ARG B 350 -2.91 -2.36 -33.78
N GLN B 351 -1.80 -1.84 -33.26
CA GLN B 351 -1.46 -2.02 -31.86
C GLN B 351 -2.54 -1.45 -30.97
N GLU B 352 -3.15 -0.38 -31.41
CA GLU B 352 -4.18 0.25 -30.61
C GLU B 352 -5.52 -0.44 -30.78
N GLU B 353 -5.75 -1.02 -31.96
CA GLU B 353 -7.01 -1.70 -32.24
C GLU B 353 -7.03 -3.04 -31.53
N LEU B 354 -5.86 -3.66 -31.43
CA LEU B 354 -5.74 -4.96 -30.77
C LEU B 354 -5.77 -4.75 -29.25
N LEU B 355 -5.25 -3.62 -28.83
CA LEU B 355 -5.18 -3.30 -27.41
C LEU B 355 -6.56 -3.03 -26.84
N LEU B 356 -7.43 -2.47 -27.69
CA LEU B 356 -8.80 -2.14 -27.34
C LEU B 356 -9.66 -3.41 -27.25
N LEU B 357 -9.44 -4.34 -28.16
CA LEU B 357 -10.17 -5.59 -28.19
C LEU B 357 -9.83 -6.49 -27.00
N GLN B 358 -8.56 -6.72 -26.75
CA GLN B 358 -8.17 -7.57 -25.63
C GLN B 358 -8.53 -6.93 -24.31
N ALA B 359 -8.65 -5.60 -24.31
CA ALA B 359 -9.02 -4.88 -23.10
C ALA B 359 -10.34 -5.39 -22.56
N GLU B 360 -11.28 -5.70 -23.45
CA GLU B 360 -12.59 -6.22 -23.07
C GLU B 360 -12.51 -7.62 -22.50
N ILE B 361 -11.72 -8.46 -23.15
CA ILE B 361 -11.53 -9.86 -22.76
C ILE B 361 -10.95 -9.90 -21.35
N SER B 362 -10.00 -9.01 -21.07
CA SER B 362 -9.34 -8.94 -19.78
C SER B 362 -10.37 -8.72 -18.67
N ASN B 363 -11.28 -7.78 -18.89
CA ASN B 363 -12.30 -7.51 -17.89
C ASN B 363 -13.11 -8.76 -17.64
N SER B 364 -13.54 -9.39 -18.72
CA SER B 364 -14.35 -10.60 -18.64
C SER B 364 -13.66 -11.69 -17.83
N ARG B 365 -12.34 -11.73 -17.91
CA ARG B 365 -11.56 -12.74 -17.18
C ARG B 365 -11.45 -12.39 -15.71
N LEU B 366 -11.34 -11.09 -15.42
CA LEU B 366 -11.19 -10.67 -14.04
C LEU B 366 -12.58 -10.67 -13.42
N ASP B 367 -13.57 -10.98 -14.24
CA ASP B 367 -14.94 -11.01 -13.76
C ASP B 367 -15.27 -12.35 -13.16
N ARG B 368 -14.57 -13.38 -13.63
CA ARG B 368 -14.81 -14.75 -13.16
C ARG B 368 -14.05 -15.08 -11.92
N PHE B 369 -13.38 -14.07 -11.36
CA PHE B 369 -12.61 -14.21 -10.12
C PHE B 369 -13.42 -13.61 -8.98
N VAL B 370 -14.45 -12.86 -9.32
CA VAL B 370 -15.29 -12.24 -8.32
C VAL B 370 -15.95 -13.30 -7.45
N GLY B 371 -15.95 -13.02 -6.15
CA GLY B 371 -16.56 -13.92 -5.17
C GLY B 371 -15.84 -15.24 -5.05
N LYS B 372 -14.52 -15.20 -5.24
CA LYS B 372 -13.71 -16.41 -5.11
C LYS B 372 -12.47 -16.20 -4.24
N LYS B 373 -12.17 -17.20 -3.44
CA LYS B 373 -11.03 -17.12 -2.54
C LYS B 373 -9.69 -17.26 -3.28
N LEU B 374 -8.89 -16.21 -3.32
CA LEU B 374 -7.59 -16.29 -3.96
C LEU B 374 -6.50 -15.95 -2.96
N LYS B 375 -5.44 -16.73 -2.93
CA LYS B 375 -4.32 -16.46 -2.04
C LYS B 375 -3.82 -15.01 -2.24
N PHE B 376 -3.52 -14.33 -1.15
CA PHE B 376 -3.11 -12.95 -1.24
C PHE B 376 -1.79 -12.75 -0.53
N LEU B 377 -0.92 -11.91 -1.10
CA LEU B 377 0.39 -11.58 -0.50
C LEU B 377 0.45 -10.09 -0.16
N VAL B 378 0.40 -9.77 1.13
CA VAL B 378 0.42 -8.38 1.60
C VAL B 378 1.73 -7.73 1.23
N GLU B 379 1.65 -6.48 0.76
CA GLU B 379 2.83 -5.71 0.35
C GLU B 379 2.87 -4.32 0.94
N GLY B 380 1.86 -3.97 1.73
CA GLY B 380 1.83 -2.64 2.34
C GLY B 380 0.52 -2.30 3.03
N LYS B 381 0.57 -1.38 3.97
CA LYS B 381 -0.63 -0.97 4.70
C LYS B 381 -0.88 0.52 4.55
N GLU B 382 -1.98 0.88 3.90
CA GLU B 382 -2.35 2.28 3.72
C GLU B 382 -3.54 2.59 4.62
N GLY B 383 -3.33 2.49 5.93
CA GLY B 383 -4.41 2.71 6.87
C GLY B 383 -5.09 1.39 7.20
N LYS B 384 -6.41 1.31 7.05
CA LYS B 384 -7.14 0.06 7.31
C LYS B 384 -7.19 -0.76 6.02
N PHE B 385 -6.62 -0.18 4.96
CA PHE B 385 -6.55 -0.80 3.66
C PHE B 385 -5.21 -1.54 3.52
N LEU B 386 -5.17 -2.53 2.62
CA LEU B 386 -3.96 -3.34 2.36
C LEU B 386 -3.64 -3.44 0.89
N VAL B 387 -2.38 -3.24 0.55
CA VAL B 387 -1.95 -3.34 -0.85
C VAL B 387 -1.27 -4.70 -1.01
N GLY B 388 -1.30 -5.24 -2.23
CA GLY B 388 -0.69 -6.52 -2.48
C GLY B 388 -1.18 -7.12 -3.79
N ARG B 389 -0.91 -8.40 -3.98
CA ARG B 389 -1.32 -9.07 -5.20
C ARG B 389 -1.70 -10.51 -4.88
N THR B 390 -2.41 -11.12 -5.82
CA THR B 390 -2.81 -12.51 -5.72
C THR B 390 -1.88 -13.27 -6.66
N TRP B 391 -1.86 -14.59 -6.54
CA TRP B 391 -0.98 -15.41 -7.37
C TRP B 391 -1.18 -15.14 -8.85
N THR B 392 -2.33 -14.60 -9.19
CA THR B 392 -2.62 -14.31 -10.57
C THR B 392 -1.79 -13.13 -11.05
N GLU B 393 -1.87 -12.02 -10.32
CA GLU B 393 -1.11 -10.82 -10.68
C GLU B 393 0.39 -11.03 -10.51
N ALA B 394 1.17 -10.43 -11.40
CA ALA B 394 2.63 -10.52 -11.33
C ALA B 394 3.24 -9.18 -10.87
N PRO B 395 4.41 -9.23 -10.20
CA PRO B 395 5.11 -8.04 -9.70
C PRO B 395 5.28 -6.90 -10.70
N GLU B 396 4.73 -5.73 -10.34
CA GLU B 396 4.80 -4.53 -11.17
C GLU B 396 4.86 -4.77 -12.67
N VAL B 397 3.83 -5.41 -13.21
CA VAL B 397 3.70 -5.73 -14.64
C VAL B 397 2.22 -5.92 -15.00
N ASP B 398 1.49 -6.53 -14.06
CA ASP B 398 0.08 -6.79 -14.24
C ASP B 398 -0.73 -5.77 -13.48
N GLY B 399 -1.35 -6.19 -12.39
CA GLY B 399 -2.17 -5.25 -11.63
C GLY B 399 -1.94 -5.45 -10.16
N VAL B 400 -2.75 -4.78 -9.34
CA VAL B 400 -2.64 -4.87 -7.89
C VAL B 400 -3.99 -5.22 -7.23
N VAL B 401 -3.97 -5.50 -5.93
CA VAL B 401 -5.19 -5.85 -5.25
C VAL B 401 -5.29 -5.23 -3.88
N PHE B 402 -6.36 -4.46 -3.65
CA PHE B 402 -6.60 -3.78 -2.37
C PHE B 402 -7.65 -4.54 -1.56
N VAL B 403 -7.38 -4.74 -0.27
CA VAL B 403 -8.31 -5.44 0.61
C VAL B 403 -8.46 -4.80 1.98
N ARG B 404 -9.68 -4.80 2.49
CA ARG B 404 -9.94 -4.23 3.81
C ARG B 404 -9.58 -5.27 4.87
N GLY B 405 -8.48 -5.01 5.58
CA GLY B 405 -8.03 -5.93 6.59
C GLY B 405 -6.81 -5.46 7.35
N LYS B 406 -6.21 -6.40 8.06
CA LYS B 406 -5.00 -6.13 8.84
C LYS B 406 -3.96 -7.21 8.55
N GLY B 407 -2.69 -6.86 8.72
CA GLY B 407 -1.60 -7.79 8.47
C GLY B 407 -0.29 -7.08 8.18
N LYS B 408 0.79 -7.82 7.99
CA LYS B 408 2.06 -7.16 7.70
C LYS B 408 2.59 -7.54 6.33
N ILE B 409 3.52 -6.75 5.82
CA ILE B 409 4.13 -7.02 4.51
C ILE B 409 4.80 -8.39 4.49
N GLY B 410 4.37 -9.23 3.56
CA GLY B 410 4.93 -10.57 3.42
C GLY B 410 4.04 -11.68 3.94
N ASP B 411 2.82 -11.30 4.27
CA ASP B 411 1.89 -12.27 4.80
C ASP B 411 1.17 -12.98 3.68
N PHE B 412 0.40 -14.00 4.05
CA PHE B 412 -0.38 -14.77 3.10
C PHE B 412 -1.83 -14.93 3.60
N LEU B 413 -2.67 -13.97 3.19
CA LEU B 413 -4.06 -13.94 3.57
C LEU B 413 -4.89 -14.49 2.42
N GLU B 414 -6.06 -15.06 2.75
CA GLU B 414 -7.00 -15.60 1.77
C GLU B 414 -8.16 -14.60 1.57
N VAL B 415 -7.96 -13.67 0.65
CA VAL B 415 -8.96 -12.65 0.35
C VAL B 415 -9.93 -13.09 -0.73
N VAL B 416 -11.06 -12.41 -0.83
CA VAL B 416 -12.03 -12.76 -1.84
C VAL B 416 -12.40 -11.53 -2.63
N ILE B 417 -12.25 -11.61 -3.95
CA ILE B 417 -12.53 -10.45 -4.81
C ILE B 417 -14.01 -10.06 -4.76
N LYS B 418 -14.28 -8.75 -4.75
CA LYS B 418 -15.64 -8.20 -4.75
C LYS B 418 -15.98 -7.69 -6.15
N GLU B 419 -15.20 -6.73 -6.66
CA GLU B 419 -15.43 -6.18 -8.00
C GLU B 419 -14.07 -5.81 -8.59
N HIS B 420 -14.05 -5.24 -9.79
CA HIS B 420 -12.78 -4.85 -10.44
C HIS B 420 -13.01 -3.81 -11.50
N ASP B 421 -12.00 -3.63 -12.36
CA ASP B 421 -12.01 -2.67 -13.46
C ASP B 421 -10.67 -1.95 -13.41
N GLU B 422 -10.16 -1.54 -14.57
CA GLU B 422 -8.88 -0.85 -14.63
C GLU B 422 -7.76 -1.87 -14.34
N TYR B 423 -8.12 -3.15 -14.43
CA TYR B 423 -7.17 -4.23 -14.19
C TYR B 423 -6.74 -4.31 -12.74
N ASP B 424 -7.66 -3.97 -11.84
CA ASP B 424 -7.42 -4.02 -10.40
C ASP B 424 -8.63 -4.63 -9.69
N MET B 425 -8.38 -5.50 -8.71
CA MET B 425 -9.46 -6.15 -7.96
C MET B 425 -9.54 -5.62 -6.53
N TRP B 426 -10.74 -5.64 -5.96
CA TRP B 426 -10.97 -5.14 -4.61
C TRP B 426 -11.71 -6.23 -3.84
N GLY B 427 -11.21 -6.59 -2.66
CA GLY B 427 -11.87 -7.61 -1.87
C GLY B 427 -11.56 -7.50 -0.38
N SER B 428 -11.93 -8.54 0.37
CA SER B 428 -11.69 -8.58 1.80
C SER B 428 -11.21 -9.95 2.18
N VAL B 429 -10.55 -10.02 3.33
CA VAL B 429 -10.02 -11.28 3.80
C VAL B 429 -11.09 -12.18 4.36
N ILE B 430 -10.77 -13.46 4.48
CA ILE B 430 -11.72 -14.44 4.98
C ILE B 430 -11.00 -15.32 6.00
N LEU B 431 -11.77 -15.87 6.94
CA LEU B 431 -11.25 -16.75 7.99
C LEU B 431 -10.09 -16.09 8.75
S8 FS5 C . -4.66 9.88 23.68
FE6 FS5 C . -2.88 8.63 23.30
FE7 FS5 C . -4.88 9.00 21.65
S6 FS5 C . -2.89 8.21 21.14
FE8 FS5 C . -5.39 7.85 24.06
S7 FS5 C . -6.08 7.21 22.07
FE5 FS5 C . -3.99 6.53 22.04
S5 FS5 C . -3.49 6.74 24.17
FE4 FS5 C . -12.69 9.26 27.86
S4 FS5 C . -10.80 10.23 28.27
FE9 FS5 C . -12.34 11.13 29.50
FE2 FS5 C . -11.37 8.91 29.92
S2 FS5 C . -12.27 10.19 31.47
S1 FS5 C . -14.28 10.70 28.54
S3 FS5 C . -12.93 7.60 29.18
FE1 FS5 C . -13.83 9.31 30.23
S13 FS5 C . -12.66 8.46 25.88
S12 FS5 C . -11.36 9.65 24.86
S11 FS5 C . -9.67 8.83 24.12
S10 FS5 C . -8.66 7.45 25.28
S9 FS5 C . -6.71 7.84 25.78
S8 FS5 D . 18.16 -8.36 -21.27
FE6 FS5 D . 18.71 -6.29 -21.47
FE7 FS5 D . 16.68 -7.19 -20.13
S6 FS5 D . 17.56 -5.17 -19.90
FE8 FS5 D . 16.76 -7.63 -22.78
S7 FS5 D . 15.05 -6.95 -21.55
FE5 FS5 D . 16.20 -5.14 -21.67
S5 FS5 D . 17.62 -5.69 -23.27
FE4 FS5 D . 13.26 -14.36 -26.86
S4 FS5 D . 15.38 -13.80 -26.46
FE9 FS5 D . 15.36 -15.83 -27.32
FE2 FS5 D . 15.02 -13.73 -28.66
S2 FS5 D . 15.79 -15.59 -29.45
S1 FS5 D . 13.25 -16.55 -27.09
S3 FS5 D . 12.86 -13.71 -28.95
FE1 FS5 D . 13.65 -15.75 -29.16
S13 FS5 D . 12.08 -13.32 -25.39
S12 FS5 D . 13.30 -13.01 -23.77
S11 FS5 D . 13.77 -11.09 -23.19
S10 FS5 D . 14.54 -9.75 -24.56
S9 FS5 D . 16.47 -9.01 -24.45
#